data_3BM5
#
_entry.id   3BM5
#
_cell.length_a   80.360
_cell.length_b   80.360
_cell.length_c   111.761
_cell.angle_alpha   90.000
_cell.angle_beta   90.000
_cell.angle_gamma   90.000
#
_symmetry.space_group_name_H-M   'P 41'
#
loop_
_entity.id
_entity.type
_entity.pdbx_description
1 polymer 'Cysteine synthase'
2 non-polymer 'SULFATE ION'
3 non-polymer "PYRIDOXAL-5'-PHOSPHATE"
4 non-polymer CYSTEINE
5 water water
#
_entity_poly.entity_id   1
_entity_poly.type   'polypeptide(L)'
_entity_poly.pdbx_seq_one_letter_code
;EQISISSPRKRIYHNILETIGGTPLVELHGVTEHPRIKKGTRILVKLEYFNPMSSVKDRVGFNIVYQAIKDGRLKPGMEI
IESTSGNTGIALCQAGAVFGYRVNIAMPSTMSVERQMIMKAFGAELILTEGKKGMPGAIEEVNKMIKENPGKYFVANQFG
NPDNTAAHHYTANEIWEDTDGEVDIVVSAVGTSGTVIGVAEKLKEKKKGIKIIAVEPEESAVLEGKAKGPHGIQGIGAGF
IPDIYKKEFVDEIIPIKTQDAWKMARAVVKYDGIMCGMSSGAAILAGLKEAEKPENEGKTIVIIVPSCGERYLSTDLYKI
KDEGTKIQILDSLLNEHH
;
_entity_poly.pdbx_strand_id   A,B
#
# COMPACT_ATOMS: atom_id res chain seq x y z
N GLU A 1 -10.38 -1.14 25.37
CA GLU A 1 -9.20 -0.25 25.45
C GLU A 1 -9.13 0.67 24.23
N GLN A 2 -8.94 1.96 24.48
CA GLN A 2 -8.87 2.97 23.44
C GLN A 2 -7.96 2.69 22.25
N ILE A 3 -8.52 2.86 21.06
CA ILE A 3 -7.78 2.67 19.82
C ILE A 3 -7.73 4.02 19.11
N SER A 4 -6.55 4.59 19.00
CA SER A 4 -6.38 5.88 18.34
C SER A 4 -5.67 5.76 17.00
N ILE A 5 -6.28 6.29 15.95
CA ILE A 5 -5.66 6.23 14.63
C ILE A 5 -4.58 7.29 14.57
N SER A 6 -3.84 7.34 13.47
CA SER A 6 -2.75 8.30 13.32
C SER A 6 -3.14 9.77 13.23
N SER A 7 -2.20 10.62 13.63
CA SER A 7 -2.40 12.05 13.60
C SER A 7 -1.88 12.61 12.27
N PRO A 8 -2.27 13.84 11.94
CA PRO A 8 -1.82 14.44 10.69
C PRO A 8 -0.28 14.46 10.64
N ARG A 9 0.27 14.27 9.46
CA ARG A 9 1.71 14.29 9.31
C ARG A 9 2.23 15.71 9.43
N LYS A 10 1.32 16.67 9.37
CA LYS A 10 1.67 18.09 9.45
C LYS A 10 2.76 18.39 8.45
N ARG A 11 2.51 18.09 7.17
CA ARG A 11 3.52 18.31 6.15
C ARG A 11 3.02 18.15 4.72
N ILE A 12 3.62 18.89 3.80
CA ILE A 12 3.27 18.78 2.39
C ILE A 12 4.50 18.28 1.64
N TYR A 13 4.35 17.18 0.92
CA TYR A 13 5.46 16.59 0.20
C TYR A 13 5.64 17.13 -1.21
N HIS A 14 6.87 17.49 -1.55
CA HIS A 14 7.20 18.04 -2.87
C HIS A 14 6.96 17.03 -3.98
N ASN A 15 7.01 15.75 -3.64
CA ASN A 15 6.80 14.66 -4.60
C ASN A 15 6.68 13.35 -3.84
N ILE A 16 6.14 12.32 -4.50
CA ILE A 16 5.88 11.05 -3.86
C ILE A 16 7.14 10.49 -3.21
N LEU A 17 8.29 10.77 -3.82
CA LEU A 17 9.55 10.21 -3.36
C LEU A 17 9.80 10.55 -1.89
N GLU A 18 9.21 11.64 -1.43
CA GLU A 18 9.49 12.17 -0.11
C GLU A 18 8.68 11.45 0.96
N THR A 19 7.77 10.58 0.52
CA THR A 19 6.93 9.82 1.44
C THR A 19 7.54 8.45 1.73
N ILE A 20 8.77 8.24 1.25
CA ILE A 20 9.47 6.99 1.48
C ILE A 20 9.98 6.97 2.92
N GLY A 21 10.18 5.77 3.47
CA GLY A 21 10.67 5.66 4.83
C GLY A 21 9.69 6.07 5.92
N GLY A 22 10.18 6.12 7.15
CA GLY A 22 9.36 6.50 8.27
C GLY A 22 8.21 5.53 8.44
N THR A 23 8.47 4.26 8.11
CA THR A 23 7.43 3.23 8.20
C THR A 23 7.05 2.89 9.64
N PRO A 24 5.82 2.41 9.83
CA PRO A 24 5.26 2.03 11.14
C PRO A 24 5.77 0.75 11.80
N LEU A 25 6.00 0.84 13.10
CA LEU A 25 6.44 -0.29 13.92
C LEU A 25 5.18 -0.64 14.72
N VAL A 26 4.62 -1.84 14.45
CA VAL A 26 3.38 -2.30 15.07
C VAL A 26 3.55 -3.56 15.91
N GLU A 27 2.92 -3.57 17.08
CA GLU A 27 2.96 -4.73 17.98
C GLU A 27 2.12 -5.89 17.45
N LEU A 28 2.67 -7.10 17.53
CA LEU A 28 1.94 -8.29 17.11
C LEU A 28 1.27 -8.79 18.38
N HIS A 29 0.14 -9.46 18.24
CA HIS A 29 -0.59 -9.97 19.39
C HIS A 29 -1.17 -11.35 19.18
N GLY A 30 -2.11 -11.45 18.24
CA GLY A 30 -2.75 -12.73 17.97
C GLY A 30 -1.79 -13.89 17.83
N VAL A 31 -0.74 -13.72 17.03
CA VAL A 31 0.21 -14.78 16.81
C VAL A 31 1.27 -14.95 17.92
N THR A 32 1.20 -14.14 18.95
CA THR A 32 2.18 -14.27 20.03
C THR A 32 1.55 -15.00 21.20
N GLU A 33 0.29 -15.41 21.05
CA GLU A 33 -0.44 -16.11 22.12
C GLU A 33 -0.21 -17.62 22.14
N HIS A 34 1.00 -18.00 22.53
CA HIS A 34 1.36 -19.41 22.62
C HIS A 34 2.09 -19.59 23.95
N PRO A 35 1.80 -20.70 24.67
CA PRO A 35 2.41 -20.97 25.97
C PRO A 35 3.91 -20.72 26.07
N ARG A 36 4.66 -20.99 25.01
CA ARG A 36 6.10 -20.80 25.06
C ARG A 36 6.66 -19.41 24.84
N ILE A 37 5.78 -18.44 24.57
CA ILE A 37 6.22 -17.06 24.39
C ILE A 37 5.77 -16.31 25.64
N LYS A 38 6.72 -15.72 26.35
CA LYS A 38 6.39 -15.00 27.57
C LYS A 38 5.72 -13.64 27.37
N LYS A 39 4.94 -13.25 28.36
CA LYS A 39 4.19 -11.99 28.33
C LYS A 39 5.05 -10.73 28.26
N GLY A 40 6.26 -10.79 28.79
CA GLY A 40 7.13 -9.64 28.77
C GLY A 40 7.71 -9.26 27.43
N THR A 41 8.29 -10.24 26.74
CA THR A 41 8.90 -10.03 25.43
C THR A 41 8.00 -9.29 24.43
N ARG A 42 8.55 -8.26 23.77
CA ARG A 42 7.80 -7.46 22.81
C ARG A 42 8.15 -7.82 21.37
N ILE A 43 7.15 -8.23 20.61
CA ILE A 43 7.35 -8.61 19.23
C ILE A 43 6.72 -7.59 18.28
N LEU A 44 7.57 -6.83 17.62
CA LEU A 44 7.13 -5.79 16.72
C LEU A 44 7.48 -6.05 15.26
N VAL A 45 6.63 -5.55 14.37
CA VAL A 45 6.87 -5.68 12.95
C VAL A 45 6.94 -4.30 12.31
N LYS A 46 7.91 -4.10 11.43
CA LYS A 46 8.09 -2.83 10.75
C LYS A 46 7.48 -3.04 9.36
N LEU A 47 6.35 -2.37 9.13
CA LEU A 47 5.63 -2.51 7.88
C LEU A 47 6.17 -1.64 6.77
N GLU A 48 7.01 -2.24 5.93
CA GLU A 48 7.64 -1.55 4.81
C GLU A 48 6.73 -1.40 3.60
N TYR A 49 5.53 -1.96 3.66
CA TYR A 49 4.63 -1.78 2.53
C TYR A 49 3.89 -0.45 2.65
N PHE A 50 4.25 0.33 3.66
CA PHE A 50 3.67 1.66 3.84
C PHE A 50 4.39 2.62 2.92
N ASN A 51 5.46 2.15 2.30
CA ASN A 51 6.20 2.96 1.34
C ASN A 51 5.23 3.22 0.17
N PRO A 52 5.48 4.25 -0.66
CA PRO A 52 4.60 4.57 -1.78
C PRO A 52 4.22 3.42 -2.75
N MET A 53 5.10 2.44 -2.92
CA MET A 53 4.79 1.32 -3.81
C MET A 53 4.71 0.00 -3.06
N SER A 54 4.41 0.10 -1.78
CA SER A 54 4.21 -1.06 -0.92
C SER A 54 5.32 -2.06 -0.76
N SER A 55 6.57 -1.62 -0.70
CA SER A 55 7.66 -2.56 -0.50
C SER A 55 8.87 -1.83 0.01
N VAL A 56 9.73 -2.58 0.70
CA VAL A 56 10.96 -2.06 1.29
C VAL A 56 11.86 -1.51 0.20
N LYS A 57 11.66 -1.97 -1.02
CA LYS A 57 12.48 -1.54 -2.14
C LYS A 57 12.39 -0.08 -2.56
N ASP A 58 11.32 0.60 -2.19
CA ASP A 58 11.20 2.01 -2.55
C ASP A 58 12.40 2.79 -2.01
N ARG A 59 12.91 2.37 -0.86
CA ARG A 59 14.08 3.01 -0.22
C ARG A 59 15.33 2.83 -1.09
N VAL A 60 15.48 1.62 -1.61
CA VAL A 60 16.61 1.23 -2.45
C VAL A 60 16.60 1.86 -3.84
N GLY A 61 15.49 1.71 -4.54
CA GLY A 61 15.40 2.30 -5.87
C GLY A 61 15.60 3.80 -5.79
N PHE A 62 15.07 4.41 -4.74
CA PHE A 62 15.23 5.84 -4.58
C PHE A 62 16.69 6.23 -4.34
N ASN A 63 17.29 5.64 -3.32
CA ASN A 63 18.67 5.98 -2.97
C ASN A 63 19.70 5.69 -4.05
N ILE A 64 19.52 4.58 -4.78
CA ILE A 64 20.43 4.23 -5.86
C ILE A 64 20.42 5.35 -6.90
N VAL A 65 19.24 5.73 -7.37
CA VAL A 65 19.10 6.78 -8.38
C VAL A 65 19.52 8.15 -7.85
N TYR A 66 19.09 8.47 -6.64
CA TYR A 66 19.43 9.75 -6.01
C TYR A 66 20.93 9.93 -5.82
N GLN A 67 21.59 8.91 -5.27
CA GLN A 67 23.02 8.94 -5.03
C GLN A 67 23.81 9.00 -6.34
N ALA A 68 23.32 8.29 -7.35
CA ALA A 68 23.98 8.28 -8.65
C ALA A 68 23.86 9.64 -9.32
N ILE A 69 22.71 10.30 -9.13
CA ILE A 69 22.48 11.61 -9.71
C ILE A 69 23.33 12.63 -8.98
N LYS A 70 23.58 12.37 -7.71
CA LYS A 70 24.38 13.26 -6.88
C LYS A 70 25.87 13.12 -7.19
N ASP A 71 26.31 11.89 -7.45
CA ASP A 71 27.72 11.59 -7.77
C ASP A 71 28.07 11.82 -9.23
N GLY A 72 27.07 11.83 -10.09
CA GLY A 72 27.35 12.03 -11.49
C GLY A 72 27.39 10.72 -12.27
N ARG A 73 27.06 9.60 -11.64
CA ARG A 73 27.05 8.33 -12.33
C ARG A 73 25.82 8.27 -13.22
N LEU A 74 24.81 9.04 -12.84
CA LEU A 74 23.59 9.12 -13.62
C LEU A 74 23.45 10.58 -14.04
N LYS A 75 23.31 10.82 -15.34
CA LYS A 75 23.17 12.18 -15.85
C LYS A 75 22.25 12.21 -17.07
N PRO A 76 21.77 13.42 -17.43
CA PRO A 76 20.89 13.59 -18.59
C PRO A 76 21.43 12.91 -19.84
N GLY A 77 20.58 12.13 -20.49
CA GLY A 77 21.00 11.43 -21.68
C GLY A 77 21.16 9.95 -21.38
N MET A 78 21.38 9.63 -20.13
CA MET A 78 21.53 8.24 -19.75
C MET A 78 20.17 7.65 -19.40
N GLU A 79 20.14 6.33 -19.30
CA GLU A 79 18.94 5.60 -18.97
C GLU A 79 19.28 4.58 -17.92
N ILE A 80 18.29 4.27 -17.09
CA ILE A 80 18.48 3.31 -16.04
C ILE A 80 18.15 1.92 -16.57
N ILE A 81 18.87 0.92 -16.09
CA ILE A 81 18.62 -0.44 -16.51
C ILE A 81 18.84 -1.35 -15.30
N GLU A 82 18.20 -2.51 -15.33
CA GLU A 82 18.30 -3.48 -14.26
C GLU A 82 17.50 -4.72 -14.62
N SER A 83 18.08 -5.89 -14.45
CA SER A 83 17.32 -7.11 -14.74
C SER A 83 16.75 -7.49 -13.37
N THR A 84 15.43 -7.34 -13.26
CA THR A 84 14.72 -7.63 -12.02
C THR A 84 13.26 -7.80 -12.37
N SER A 85 12.59 -8.74 -11.72
CA SER A 85 11.18 -8.95 -11.98
C SER A 85 10.40 -8.76 -10.68
N GLY A 86 11.11 -8.24 -9.67
CA GLY A 86 10.50 -8.02 -8.37
C GLY A 86 10.12 -6.58 -8.06
N ASN A 87 10.18 -6.24 -6.77
CA ASN A 87 9.83 -4.91 -6.29
C ASN A 87 10.82 -3.82 -6.65
N THR A 88 12.09 -4.19 -6.82
CA THR A 88 13.13 -3.23 -7.17
C THR A 88 12.84 -2.57 -8.51
N GLY A 89 12.41 -3.35 -9.48
CA GLY A 89 12.09 -2.80 -10.78
C GLY A 89 11.04 -1.72 -10.61
N ILE A 90 10.04 -2.00 -9.79
CA ILE A 90 8.97 -1.04 -9.51
C ILE A 90 9.56 0.18 -8.83
N ALA A 91 10.45 -0.05 -7.86
CA ALA A 91 11.09 1.04 -7.13
C ALA A 91 11.85 1.96 -8.07
N LEU A 92 12.58 1.37 -9.02
CA LEU A 92 13.36 2.15 -9.99
C LEU A 92 12.45 2.94 -10.94
N CYS A 93 11.32 2.34 -11.32
CA CYS A 93 10.36 2.98 -12.21
C CYS A 93 9.80 4.24 -11.55
N GLN A 94 9.51 4.16 -10.25
CA GLN A 94 8.98 5.30 -9.50
C GLN A 94 10.00 6.42 -9.46
N ALA A 95 11.26 6.09 -9.14
CA ALA A 95 12.31 7.10 -9.08
C ALA A 95 12.52 7.72 -10.45
N GLY A 96 12.66 6.88 -11.47
CA GLY A 96 12.85 7.39 -12.82
C GLY A 96 11.76 8.37 -13.24
N ALA A 97 10.52 8.02 -12.93
CA ALA A 97 9.37 8.86 -13.27
C ALA A 97 9.50 10.25 -12.67
N VAL A 98 9.73 10.32 -11.36
CA VAL A 98 9.86 11.60 -10.68
C VAL A 98 11.10 12.39 -11.14
N PHE A 99 12.26 11.73 -11.16
CA PHE A 99 13.51 12.36 -11.58
C PHE A 99 13.57 12.60 -13.07
N GLY A 100 12.63 12.01 -13.81
CA GLY A 100 12.62 12.20 -15.24
C GLY A 100 13.69 11.41 -15.98
N TYR A 101 13.76 10.11 -15.73
CA TYR A 101 14.73 9.26 -16.38
C TYR A 101 14.06 8.00 -16.90
N ARG A 102 14.39 7.65 -18.14
CA ARG A 102 13.86 6.45 -18.78
C ARG A 102 14.40 5.23 -18.03
N VAL A 103 13.54 4.23 -17.82
CA VAL A 103 13.95 3.02 -17.09
C VAL A 103 13.78 1.79 -17.96
N ASN A 104 14.69 0.84 -17.78
CA ASN A 104 14.67 -0.40 -18.55
C ASN A 104 14.79 -1.58 -17.60
N ILE A 105 13.76 -2.42 -17.58
CA ILE A 105 13.77 -3.58 -16.71
C ILE A 105 13.71 -4.86 -17.53
N ALA A 106 14.67 -5.75 -17.30
CA ALA A 106 14.73 -7.02 -18.00
C ALA A 106 14.25 -8.14 -17.09
N MET A 107 13.39 -8.99 -17.63
CA MET A 107 12.87 -10.13 -16.89
C MET A 107 12.31 -11.17 -17.84
N PRO A 108 12.33 -12.45 -17.43
CA PRO A 108 11.82 -13.54 -18.25
C PRO A 108 10.39 -13.21 -18.69
N SER A 109 10.10 -13.46 -19.96
CA SER A 109 8.77 -13.20 -20.55
C SER A 109 7.62 -13.78 -19.73
N THR A 110 7.72 -15.09 -19.52
CA THR A 110 6.73 -15.91 -18.83
C THR A 110 6.37 -15.67 -17.36
N MET A 111 6.99 -14.73 -16.67
CA MET A 111 6.59 -14.62 -15.29
C MET A 111 6.28 -13.22 -14.77
N SER A 112 5.45 -13.19 -13.72
CA SER A 112 4.99 -11.98 -13.07
C SER A 112 4.57 -10.91 -14.07
N VAL A 113 3.53 -11.26 -14.83
CA VAL A 113 2.97 -10.46 -15.92
C VAL A 113 2.26 -9.11 -15.73
N GLU A 114 1.89 -8.73 -14.50
CA GLU A 114 1.29 -7.43 -14.34
C GLU A 114 2.10 -6.62 -13.37
N ARG A 115 3.12 -7.27 -12.80
CA ARG A 115 4.02 -6.55 -11.95
C ARG A 115 4.62 -5.82 -13.13
N GLN A 116 4.70 -6.57 -14.23
CA GLN A 116 5.18 -6.14 -15.54
C GLN A 116 4.34 -4.93 -15.95
N MET A 117 3.04 -5.12 -15.84
CA MET A 117 2.07 -4.10 -16.16
C MET A 117 2.23 -2.89 -15.23
N ILE A 118 2.47 -3.16 -13.95
CA ILE A 118 2.68 -2.09 -12.99
C ILE A 118 3.83 -1.26 -13.54
N MET A 119 4.89 -1.94 -13.92
CA MET A 119 6.08 -1.29 -14.47
C MET A 119 5.79 -0.55 -15.78
N LYS A 120 5.03 -1.16 -16.67
CA LYS A 120 4.71 -0.51 -17.93
C LYS A 120 3.86 0.73 -17.67
N ALA A 121 3.11 0.71 -16.57
CA ALA A 121 2.26 1.83 -16.19
C ALA A 121 3.13 3.06 -15.98
N PHE A 122 4.22 2.88 -15.23
CA PHE A 122 5.17 3.95 -14.95
C PHE A 122 5.90 4.35 -16.23
N GLY A 123 5.62 3.64 -17.30
CA GLY A 123 6.27 3.94 -18.57
C GLY A 123 7.64 3.32 -18.70
N ALA A 124 7.83 2.16 -18.08
CA ALA A 124 9.12 1.49 -18.15
C ALA A 124 9.24 0.68 -19.44
N GLU A 125 10.45 0.65 -20.00
CA GLU A 125 10.69 -0.11 -21.22
C GLU A 125 11.04 -1.53 -20.79
N LEU A 126 10.10 -2.45 -20.97
CA LEU A 126 10.30 -3.84 -20.59
C LEU A 126 11.15 -4.64 -21.58
N ILE A 127 12.09 -5.40 -21.04
CA ILE A 127 12.97 -6.23 -21.85
C ILE A 127 12.65 -7.67 -21.47
N LEU A 128 11.74 -8.28 -22.22
CA LEU A 128 11.33 -9.64 -21.94
C LEU A 128 12.24 -10.66 -22.59
N THR A 129 12.96 -11.40 -21.77
CA THR A 129 13.90 -12.42 -22.24
C THR A 129 13.25 -13.80 -22.27
N GLU A 130 13.98 -14.79 -22.77
CA GLU A 130 13.45 -16.14 -22.88
C GLU A 130 13.04 -16.75 -21.55
N GLY A 131 11.83 -17.29 -21.51
CA GLY A 131 11.32 -17.88 -20.28
C GLY A 131 12.20 -18.92 -19.63
N LYS A 132 12.49 -20.00 -20.35
CA LYS A 132 13.31 -21.07 -19.80
C LYS A 132 14.71 -20.61 -19.43
N LYS A 133 15.08 -19.39 -19.83
CA LYS A 133 16.39 -18.86 -19.51
C LYS A 133 16.39 -18.28 -18.09
N GLY A 134 15.25 -17.74 -17.68
CA GLY A 134 15.14 -17.17 -16.35
C GLY A 134 15.89 -15.86 -16.12
N MET A 135 16.17 -15.57 -14.85
CA MET A 135 16.87 -14.35 -14.48
C MET A 135 18.24 -14.27 -15.16
N PRO A 136 18.91 -15.43 -15.32
CA PRO A 136 20.22 -15.40 -15.98
C PRO A 136 20.10 -14.91 -17.43
N GLY A 137 18.96 -15.21 -18.05
CA GLY A 137 18.74 -14.79 -19.42
C GLY A 137 18.57 -13.30 -19.53
N ALA A 138 17.86 -12.73 -18.54
CA ALA A 138 17.61 -11.30 -18.51
C ALA A 138 18.91 -10.53 -18.19
N ILE A 139 19.69 -11.06 -17.27
CA ILE A 139 20.95 -10.43 -16.89
C ILE A 139 21.91 -10.44 -18.09
N GLU A 140 21.85 -11.51 -18.87
CA GLU A 140 22.70 -11.66 -20.05
C GLU A 140 22.31 -10.62 -21.10
N GLU A 141 21.01 -10.33 -21.17
CA GLU A 141 20.52 -9.36 -22.12
C GLU A 141 20.98 -7.97 -21.66
N VAL A 142 20.93 -7.74 -20.35
CA VAL A 142 21.35 -6.47 -19.78
C VAL A 142 22.82 -6.26 -20.12
N ASN A 143 23.64 -7.25 -19.79
CA ASN A 143 25.06 -7.19 -20.09
C ASN A 143 25.30 -6.94 -21.56
N LYS A 144 24.51 -7.59 -22.40
CA LYS A 144 24.65 -7.42 -23.84
C LYS A 144 24.34 -5.99 -24.25
N MET A 145 23.30 -5.42 -23.66
CA MET A 145 22.88 -4.06 -23.98
C MET A 145 23.87 -3.00 -23.53
N ILE A 146 24.39 -3.14 -22.32
CA ILE A 146 25.33 -2.16 -21.83
C ILE A 146 26.66 -2.27 -22.55
N LYS A 147 26.99 -3.48 -23.01
CA LYS A 147 28.25 -3.70 -23.70
C LYS A 147 28.23 -3.14 -25.12
N GLU A 148 27.09 -3.25 -25.80
CA GLU A 148 26.94 -2.74 -27.15
C GLU A 148 26.66 -1.24 -27.13
N ASN A 149 26.20 -0.76 -25.98
CA ASN A 149 25.87 0.65 -25.81
C ASN A 149 26.66 1.27 -24.67
N PRO A 150 28.00 1.19 -24.72
CA PRO A 150 28.83 1.76 -23.65
C PRO A 150 28.47 3.20 -23.29
N GLY A 151 28.48 3.49 -21.99
CA GLY A 151 28.18 4.83 -21.52
C GLY A 151 26.73 5.27 -21.59
N LYS A 152 25.86 4.42 -22.10
CA LYS A 152 24.46 4.76 -22.22
C LYS A 152 23.60 4.42 -21.00
N TYR A 153 23.94 3.33 -20.33
CA TYR A 153 23.16 2.88 -19.19
C TYR A 153 23.75 3.04 -17.80
N PHE A 154 22.85 3.14 -16.84
CA PHE A 154 23.24 3.20 -15.46
C PHE A 154 22.63 1.94 -14.88
N VAL A 155 23.48 0.99 -14.50
CA VAL A 155 23.03 -0.27 -13.94
C VAL A 155 22.76 -0.09 -12.45
N ALA A 156 21.55 -0.42 -12.03
CA ALA A 156 21.18 -0.31 -10.62
C ALA A 156 22.09 -1.22 -9.80
N ASN A 157 22.21 -2.47 -10.25
CA ASN A 157 23.06 -3.46 -9.60
C ASN A 157 22.78 -3.54 -8.11
N GLN A 158 21.54 -3.91 -7.78
CA GLN A 158 21.06 -3.99 -6.41
C GLN A 158 21.79 -4.93 -5.45
N PHE A 159 22.39 -6.01 -5.99
CA PHE A 159 23.10 -6.97 -5.16
C PHE A 159 24.51 -6.55 -4.78
N GLY A 160 25.05 -5.57 -5.50
CA GLY A 160 26.39 -5.11 -5.20
C GLY A 160 26.54 -3.60 -5.09
N ASN A 161 25.43 -2.89 -5.00
CA ASN A 161 25.45 -1.43 -4.90
C ASN A 161 25.45 -0.98 -3.45
N PRO A 162 26.52 -0.32 -3.00
CA PRO A 162 26.62 0.16 -1.61
C PRO A 162 25.47 1.11 -1.23
N ASP A 163 24.84 1.73 -2.23
CA ASP A 163 23.74 2.65 -1.97
C ASP A 163 22.47 1.92 -1.53
N ASN A 164 22.47 0.60 -1.67
CA ASN A 164 21.33 -0.22 -1.23
C ASN A 164 21.46 -0.22 0.28
N THR A 165 22.58 -0.75 0.75
CA THR A 165 22.88 -0.86 2.16
C THR A 165 22.77 0.47 2.92
N ALA A 166 23.33 1.53 2.34
CA ALA A 166 23.31 2.85 2.95
C ALA A 166 21.90 3.37 3.20
N ALA A 167 20.95 2.98 2.36
CA ALA A 167 19.58 3.44 2.51
C ALA A 167 18.96 2.96 3.82
N HIS A 168 19.40 1.79 4.28
CA HIS A 168 18.85 1.22 5.49
C HIS A 168 19.40 1.76 6.78
N HIS A 169 20.20 2.81 6.69
CA HIS A 169 20.70 3.43 7.91
C HIS A 169 19.47 4.19 8.42
N TYR A 170 18.59 4.56 7.50
CA TYR A 170 17.36 5.25 7.86
C TYR A 170 16.44 4.26 8.55
N THR A 171 16.30 3.08 7.94
CA THR A 171 15.48 2.02 8.50
C THR A 171 15.96 1.81 9.93
N ALA A 172 17.28 1.71 10.07
CA ALA A 172 17.92 1.51 11.37
C ALA A 172 17.56 2.63 12.33
N ASN A 173 17.73 3.85 11.85
CA ASN A 173 17.43 5.05 12.63
C ASN A 173 15.97 5.05 13.11
N GLU A 174 15.07 4.61 12.24
CA GLU A 174 13.64 4.55 12.58
C GLU A 174 13.36 3.55 13.69
N ILE A 175 13.98 2.38 13.59
CA ILE A 175 13.82 1.34 14.60
C ILE A 175 14.34 1.83 15.94
N TRP A 176 15.50 2.49 15.91
CA TRP A 176 16.10 3.00 17.13
C TRP A 176 15.20 4.04 17.79
N GLU A 177 14.79 5.05 17.03
CA GLU A 177 13.92 6.09 17.56
C GLU A 177 12.59 5.52 18.02
N ASP A 178 11.90 4.80 17.14
CA ASP A 178 10.59 4.24 17.48
C ASP A 178 10.59 3.36 18.74
N THR A 179 11.66 2.60 18.96
CA THR A 179 11.73 1.75 20.16
C THR A 179 12.39 2.50 21.32
N ASP A 180 12.70 3.77 21.09
CA ASP A 180 13.34 4.61 22.11
C ASP A 180 14.62 3.95 22.62
N GLY A 181 15.36 3.33 21.70
CA GLY A 181 16.61 2.67 22.05
C GLY A 181 16.47 1.29 22.66
N GLU A 182 15.23 0.84 22.83
CA GLU A 182 14.94 -0.45 23.42
C GLU A 182 15.20 -1.70 22.56
N VAL A 183 15.14 -1.56 21.25
CA VAL A 183 15.35 -2.70 20.36
C VAL A 183 16.48 -3.60 20.83
N ASP A 184 16.21 -4.90 20.88
CA ASP A 184 17.21 -5.88 21.32
C ASP A 184 17.62 -6.82 20.20
N ILE A 185 16.64 -7.18 19.37
CA ILE A 185 16.84 -8.12 18.28
C ILE A 185 16.14 -7.64 17.01
N VAL A 186 16.82 -7.78 15.88
CA VAL A 186 16.26 -7.40 14.59
C VAL A 186 16.29 -8.63 13.69
N VAL A 187 15.14 -8.98 13.11
CA VAL A 187 15.02 -10.14 12.23
C VAL A 187 14.74 -9.66 10.81
N SER A 188 15.51 -10.14 9.85
CA SER A 188 15.32 -9.72 8.47
C SER A 188 15.56 -10.83 7.43
N ALA A 189 14.54 -11.10 6.62
CA ALA A 189 14.64 -12.10 5.55
C ALA A 189 15.56 -11.45 4.51
N VAL A 190 16.52 -12.21 4.03
CA VAL A 190 17.50 -11.70 3.09
C VAL A 190 17.29 -11.88 1.60
N GLY A 191 17.38 -10.77 0.86
CA GLY A 191 17.26 -10.80 -0.58
C GLY A 191 18.62 -10.43 -1.13
N THR A 192 18.91 -9.14 -1.07
CA THR A 192 20.17 -8.55 -1.50
C THR A 192 21.03 -8.32 -0.25
N SER A 193 20.39 -8.46 0.91
CA SER A 193 21.01 -8.28 2.23
C SER A 193 21.16 -6.81 2.58
N GLY A 194 20.66 -5.94 1.71
CA GLY A 194 20.76 -4.51 1.97
C GLY A 194 20.15 -4.12 3.31
N THR A 195 18.99 -4.71 3.61
CA THR A 195 18.27 -4.43 4.86
C THR A 195 19.00 -4.93 6.12
N VAL A 196 19.26 -6.22 6.20
CA VAL A 196 19.91 -6.78 7.38
C VAL A 196 21.25 -6.11 7.70
N ILE A 197 22.05 -5.83 6.69
CA ILE A 197 23.35 -5.22 6.95
C ILE A 197 23.33 -3.70 7.16
N GLY A 198 22.53 -2.99 6.38
CA GLY A 198 22.45 -1.55 6.52
C GLY A 198 21.92 -1.22 7.91
N VAL A 199 20.98 -2.03 8.38
CA VAL A 199 20.41 -1.83 9.70
C VAL A 199 21.44 -2.22 10.79
N ALA A 200 22.08 -3.37 10.62
CA ALA A 200 23.07 -3.83 11.57
C ALA A 200 24.22 -2.81 11.71
N GLU A 201 24.72 -2.32 10.57
CA GLU A 201 25.81 -1.33 10.60
C GLU A 201 25.45 -0.17 11.53
N LYS A 202 24.32 0.47 11.25
CA LYS A 202 23.88 1.61 12.03
C LYS A 202 23.53 1.27 13.48
N LEU A 203 22.71 0.24 13.68
CA LEU A 203 22.32 -0.14 15.04
C LEU A 203 23.47 -0.54 15.97
N LYS A 204 24.47 -1.25 15.45
CA LYS A 204 25.59 -1.65 16.30
C LYS A 204 26.47 -0.46 16.67
N GLU A 205 26.06 0.73 16.24
CA GLU A 205 26.75 1.97 16.57
C GLU A 205 25.99 2.61 17.73
N LYS A 206 24.74 2.19 17.89
CA LYS A 206 23.86 2.72 18.93
C LYS A 206 24.11 2.09 20.30
N LYS A 207 24.20 0.76 20.35
CA LYS A 207 24.45 0.08 21.61
C LYS A 207 24.96 -1.33 21.39
N LYS A 208 25.73 -1.82 22.36
CA LYS A 208 26.28 -3.16 22.28
C LYS A 208 25.20 -4.17 22.65
N GLY A 209 25.24 -5.35 22.04
CA GLY A 209 24.28 -6.38 22.35
C GLY A 209 23.00 -6.48 21.54
N ILE A 210 22.89 -5.72 20.45
CA ILE A 210 21.68 -5.81 19.62
C ILE A 210 21.87 -6.97 18.66
N LYS A 211 21.10 -8.04 18.87
CA LYS A 211 21.20 -9.23 18.03
C LYS A 211 20.62 -9.09 16.63
N ILE A 212 21.44 -9.38 15.63
CA ILE A 212 21.03 -9.29 14.23
C ILE A 212 20.85 -10.71 13.67
N ILE A 213 19.66 -10.99 13.19
CA ILE A 213 19.34 -12.31 12.67
C ILE A 213 18.89 -12.25 11.20
N ALA A 214 19.51 -13.07 10.37
CA ALA A 214 19.16 -13.12 8.97
C ALA A 214 18.28 -14.35 8.78
N VAL A 215 17.38 -14.27 7.81
CA VAL A 215 16.48 -15.38 7.57
C VAL A 215 16.60 -15.73 6.10
N GLU A 216 16.55 -17.03 5.79
CA GLU A 216 16.66 -17.47 4.41
C GLU A 216 15.89 -18.77 4.20
N PRO A 217 15.58 -19.11 2.94
CA PRO A 217 14.84 -20.32 2.62
C PRO A 217 15.62 -21.54 3.11
N GLU A 218 14.93 -22.46 3.77
CA GLU A 218 15.60 -23.63 4.27
C GLU A 218 15.97 -24.56 3.13
N GLU A 219 15.40 -24.29 1.96
CA GLU A 219 15.65 -25.09 0.77
C GLU A 219 16.78 -24.50 -0.07
N SER A 220 17.32 -23.37 0.38
CA SER A 220 18.40 -22.70 -0.35
C SER A 220 19.21 -21.89 0.65
N ALA A 221 19.63 -22.55 1.72
CA ALA A 221 20.40 -21.93 2.79
C ALA A 221 21.83 -21.57 2.40
N VAL A 222 21.97 -20.80 1.33
CA VAL A 222 23.27 -20.38 0.83
C VAL A 222 24.10 -19.58 1.85
N LEU A 223 23.45 -18.70 2.60
CA LEU A 223 24.18 -17.91 3.60
C LEU A 223 24.73 -18.83 4.68
N GLU A 224 24.12 -20.00 4.82
CA GLU A 224 24.52 -20.97 5.81
C GLU A 224 25.50 -21.98 5.20
N GLY A 225 25.94 -21.69 3.98
CA GLY A 225 26.87 -22.58 3.32
C GLY A 225 26.25 -23.75 2.58
N LYS A 226 24.95 -23.93 2.71
CA LYS A 226 24.28 -25.02 2.02
C LYS A 226 24.29 -24.70 0.54
N ALA A 227 23.73 -25.61 -0.25
CA ALA A 227 23.69 -25.42 -1.70
C ALA A 227 22.40 -24.75 -2.13
N LYS A 228 22.49 -23.98 -3.19
CA LYS A 228 21.33 -23.30 -3.75
C LYS A 228 20.28 -24.36 -4.11
N GLY A 229 19.01 -24.05 -3.90
CA GLY A 229 17.95 -24.98 -4.21
C GLY A 229 16.63 -24.29 -4.47
N PRO A 230 15.65 -24.98 -5.09
CA PRO A 230 14.35 -24.39 -5.39
C PRO A 230 13.49 -24.16 -4.15
N HIS A 231 12.93 -22.96 -4.02
CA HIS A 231 12.08 -22.62 -2.89
C HIS A 231 10.94 -21.73 -3.35
N GLY A 232 9.96 -21.49 -2.47
CA GLY A 232 8.85 -20.65 -2.84
C GLY A 232 8.62 -19.40 -2.02
N ILE A 233 9.70 -18.85 -1.45
CA ILE A 233 9.58 -17.63 -0.67
C ILE A 233 10.08 -16.44 -1.49
N GLN A 234 9.19 -15.87 -2.29
CA GLN A 234 9.54 -14.74 -3.14
C GLN A 234 10.18 -13.56 -2.41
N GLY A 235 11.13 -12.91 -3.08
CA GLY A 235 11.81 -11.78 -2.49
C GLY A 235 13.13 -12.12 -1.83
N ILE A 236 13.32 -13.40 -1.52
CA ILE A 236 14.56 -13.84 -0.89
C ILE A 236 15.08 -15.12 -1.53
N GLY A 237 16.10 -15.71 -0.92
CA GLY A 237 16.69 -16.93 -1.46
C GLY A 237 17.19 -16.66 -2.87
N ALA A 238 18.08 -15.68 -2.99
CA ALA A 238 18.63 -15.32 -4.30
C ALA A 238 19.38 -16.49 -4.94
N GLY A 239 19.92 -17.38 -4.11
CA GLY A 239 20.66 -18.50 -4.65
C GLY A 239 22.17 -18.34 -4.56
N PHE A 240 22.62 -17.17 -4.14
CA PHE A 240 24.04 -16.89 -3.98
C PHE A 240 24.21 -15.86 -2.89
N ILE A 241 25.45 -15.64 -2.45
CA ILE A 241 25.72 -14.65 -1.40
C ILE A 241 26.00 -13.30 -2.05
N PRO A 242 25.12 -12.31 -1.83
CA PRO A 242 25.23 -10.95 -2.39
C PRO A 242 26.55 -10.24 -2.05
N ASP A 243 27.05 -9.45 -2.98
CA ASP A 243 28.30 -8.72 -2.78
C ASP A 243 28.28 -7.74 -1.62
N ILE A 244 27.12 -7.19 -1.30
CA ILE A 244 27.01 -6.23 -0.23
C ILE A 244 26.83 -6.88 1.14
N TYR A 245 26.79 -8.21 1.15
CA TYR A 245 26.63 -8.97 2.39
C TYR A 245 27.93 -9.01 3.21
N LYS A 246 27.82 -8.85 4.53
CA LYS A 246 28.97 -8.85 5.42
C LYS A 246 28.70 -9.71 6.64
N LYS A 247 29.07 -10.98 6.56
CA LYS A 247 28.86 -11.96 7.64
C LYS A 247 29.15 -11.43 9.05
N GLU A 248 30.10 -10.51 9.17
CA GLU A 248 30.46 -9.96 10.47
C GLU A 248 29.26 -9.37 11.21
N PHE A 249 28.42 -8.65 10.49
CA PHE A 249 27.26 -8.00 11.08
C PHE A 249 26.10 -8.89 11.44
N VAL A 250 26.15 -10.15 10.99
CA VAL A 250 25.07 -11.09 11.26
C VAL A 250 25.43 -12.08 12.36
N ASP A 251 24.67 -12.06 13.45
CA ASP A 251 24.92 -12.95 14.57
C ASP A 251 24.36 -14.36 14.39
N GLU A 252 23.14 -14.46 13.86
CA GLU A 252 22.52 -15.76 13.66
C GLU A 252 21.73 -15.80 12.36
N ILE A 253 21.66 -16.97 11.75
CA ILE A 253 20.92 -17.16 10.52
C ILE A 253 19.90 -18.27 10.74
N ILE A 254 18.64 -17.98 10.42
CA ILE A 254 17.58 -18.95 10.62
C ILE A 254 16.97 -19.43 9.31
N PRO A 255 17.01 -20.74 9.04
CA PRO A 255 16.40 -21.23 7.80
C PRO A 255 14.92 -21.50 8.04
N ILE A 256 14.06 -21.06 7.13
CA ILE A 256 12.63 -21.27 7.26
C ILE A 256 12.15 -21.98 6.00
N LYS A 257 11.26 -22.96 6.17
CA LYS A 257 10.73 -23.73 5.05
C LYS A 257 9.63 -22.96 4.35
N THR A 258 9.59 -23.08 3.03
CA THR A 258 8.62 -22.37 2.21
C THR A 258 7.17 -22.37 2.69
N GLN A 259 6.61 -23.53 2.99
CA GLN A 259 5.21 -23.58 3.42
C GLN A 259 5.04 -23.00 4.80
N ASP A 260 6.08 -23.09 5.61
CA ASP A 260 6.02 -22.54 6.96
C ASP A 260 5.88 -21.02 6.84
N ALA A 261 6.67 -20.42 5.96
CA ALA A 261 6.62 -19.00 5.72
C ALA A 261 5.21 -18.62 5.28
N TRP A 262 4.65 -19.38 4.35
CA TRP A 262 3.30 -19.17 3.84
C TRP A 262 2.27 -19.33 4.94
N LYS A 263 2.43 -20.40 5.73
CA LYS A 263 1.51 -20.68 6.80
C LYS A 263 1.50 -19.56 7.84
N MET A 264 2.67 -19.00 8.14
CA MET A 264 2.75 -17.88 9.09
C MET A 264 2.04 -16.63 8.55
N ALA A 265 2.32 -16.32 7.29
CA ALA A 265 1.71 -15.17 6.61
C ALA A 265 0.18 -15.22 6.72
N ARG A 266 -0.40 -16.41 6.59
CA ARG A 266 -1.86 -16.56 6.71
C ARG A 266 -2.30 -16.33 8.15
N ALA A 267 -1.56 -16.88 9.11
CA ALA A 267 -1.90 -16.72 10.50
C ALA A 267 -1.79 -15.25 10.92
N VAL A 268 -0.82 -14.54 10.35
CA VAL A 268 -0.65 -13.13 10.68
C VAL A 268 -1.81 -12.30 10.20
N VAL A 269 -2.25 -12.51 8.96
CA VAL A 269 -3.37 -11.74 8.44
C VAL A 269 -4.66 -12.13 9.17
N LYS A 270 -4.84 -13.42 9.40
CA LYS A 270 -6.02 -13.91 10.07
C LYS A 270 -6.14 -13.55 11.55
N TYR A 271 -5.03 -13.56 12.28
CA TYR A 271 -5.09 -13.27 13.71
C TYR A 271 -4.65 -11.88 14.12
N ASP A 272 -3.97 -11.17 13.23
CA ASP A 272 -3.53 -9.81 13.55
C ASP A 272 -4.06 -8.79 12.56
N GLY A 273 -4.68 -9.26 11.48
CA GLY A 273 -5.24 -8.38 10.48
C GLY A 273 -4.18 -7.66 9.66
N ILE A 274 -2.97 -8.20 9.69
CA ILE A 274 -1.84 -7.63 8.95
C ILE A 274 -1.56 -8.54 7.76
N MET A 275 -1.85 -8.07 6.57
CA MET A 275 -1.63 -8.88 5.37
C MET A 275 -0.20 -8.80 4.85
N CYS A 276 0.71 -9.54 5.47
CA CYS A 276 2.11 -9.54 5.06
C CYS A 276 2.37 -10.49 3.89
N GLY A 277 3.56 -10.40 3.30
CA GLY A 277 3.87 -11.27 2.19
C GLY A 277 4.60 -12.51 2.64
N MET A 278 5.06 -13.31 1.69
CA MET A 278 5.78 -14.55 1.94
C MET A 278 7.03 -14.35 2.79
N SER A 279 7.93 -13.48 2.34
CA SER A 279 9.16 -13.23 3.08
C SER A 279 8.88 -12.73 4.48
N SER A 280 7.78 -12.00 4.65
CA SER A 280 7.39 -11.50 5.95
C SER A 280 6.99 -12.69 6.84
N GLY A 281 6.31 -13.67 6.24
CA GLY A 281 5.90 -14.83 7.00
C GLY A 281 7.12 -15.58 7.52
N ALA A 282 8.16 -15.63 6.69
CA ALA A 282 9.37 -16.32 7.08
C ALA A 282 10.05 -15.59 8.25
N ALA A 283 10.16 -14.27 8.14
CA ALA A 283 10.79 -13.46 9.17
C ALA A 283 10.03 -13.48 10.48
N ILE A 284 8.71 -13.44 10.41
CA ILE A 284 7.89 -13.44 11.61
C ILE A 284 7.99 -14.78 12.34
N LEU A 285 8.05 -15.86 11.58
CA LEU A 285 8.18 -17.18 12.17
C LEU A 285 9.53 -17.18 12.88
N ALA A 286 10.57 -16.83 12.14
CA ALA A 286 11.92 -16.78 12.70
C ALA A 286 11.89 -15.94 13.97
N GLY A 287 11.30 -14.75 13.86
CA GLY A 287 11.21 -13.87 15.01
C GLY A 287 10.46 -14.48 16.18
N LEU A 288 9.36 -15.18 15.90
CA LEU A 288 8.59 -15.80 16.97
C LEU A 288 9.40 -16.89 17.68
N LYS A 289 10.22 -17.63 16.93
CA LYS A 289 11.03 -18.66 17.54
C LYS A 289 12.02 -18.03 18.52
N GLU A 290 12.64 -16.92 18.11
CA GLU A 290 13.57 -16.22 18.99
C GLU A 290 12.87 -15.85 20.27
N ALA A 291 11.60 -15.46 20.14
CA ALA A 291 10.79 -15.05 21.29
C ALA A 291 10.51 -16.15 22.30
N GLU A 292 10.60 -17.42 21.89
CA GLU A 292 10.34 -18.47 22.86
C GLU A 292 11.62 -18.92 23.57
N LYS A 293 12.76 -18.39 23.12
CA LYS A 293 14.05 -18.72 23.72
C LYS A 293 14.13 -18.06 25.09
N PRO A 294 14.42 -18.85 26.13
CA PRO A 294 14.55 -18.43 27.53
C PRO A 294 15.33 -17.15 27.77
N GLU A 295 16.47 -17.01 27.08
CA GLU A 295 17.29 -15.82 27.26
C GLU A 295 16.72 -14.57 26.63
N ASN A 296 15.63 -14.69 25.87
CA ASN A 296 15.03 -13.54 25.23
C ASN A 296 13.78 -12.98 25.91
N GLU A 297 13.51 -13.44 27.11
CA GLU A 297 12.34 -12.95 27.81
C GLU A 297 12.43 -11.45 28.06
N GLY A 298 11.30 -10.76 27.88
CA GLY A 298 11.26 -9.33 28.10
C GLY A 298 12.03 -8.47 27.11
N LYS A 299 12.58 -9.08 26.07
CA LYS A 299 13.32 -8.30 25.09
C LYS A 299 12.38 -7.72 24.04
N THR A 300 12.89 -6.78 23.25
CA THR A 300 12.09 -6.17 22.20
C THR A 300 12.64 -6.65 20.89
N ILE A 301 11.83 -7.43 20.19
CA ILE A 301 12.18 -8.03 18.92
C ILE A 301 11.51 -7.31 17.75
N VAL A 302 12.33 -6.80 16.84
CA VAL A 302 11.83 -6.08 15.67
C VAL A 302 11.98 -6.93 14.43
N ILE A 303 10.85 -7.17 13.76
CA ILE A 303 10.84 -7.98 12.55
C ILE A 303 10.46 -7.16 11.31
N ILE A 304 11.30 -7.22 10.28
CA ILE A 304 11.03 -6.50 9.06
C ILE A 304 9.97 -7.21 8.20
N VAL A 305 8.96 -6.47 7.78
CA VAL A 305 7.89 -6.99 6.93
C VAL A 305 8.06 -6.26 5.59
N PRO A 306 8.84 -6.83 4.67
CA PRO A 306 9.17 -6.33 3.33
C PRO A 306 8.06 -5.94 2.36
N SER A 307 6.95 -6.66 2.38
CA SER A 307 5.87 -6.39 1.43
C SER A 307 4.50 -6.84 1.87
N CYS A 308 3.52 -6.40 1.09
CA CYS A 308 2.10 -6.67 1.30
C CYS A 308 1.72 -7.98 0.61
N GLY A 309 0.80 -8.73 1.20
CA GLY A 309 0.36 -9.98 0.59
C GLY A 309 -0.47 -9.82 -0.67
N GLU A 310 -0.94 -8.59 -0.92
CA GLU A 310 -1.76 -8.30 -2.08
C GLU A 310 -0.99 -8.50 -3.38
N ARG A 311 0.33 -8.42 -3.28
CA ARG A 311 1.19 -8.59 -4.43
C ARG A 311 1.52 -10.06 -4.61
N TYR A 312 0.68 -10.93 -4.05
CA TYR A 312 0.88 -12.39 -4.11
C TYR A 312 -0.43 -13.14 -4.30
N LEU A 313 -1.43 -12.46 -4.84
CA LEU A 313 -2.74 -13.07 -5.03
C LEU A 313 -2.71 -14.16 -6.11
N SER A 314 -1.78 -14.06 -7.04
CA SER A 314 -1.69 -15.04 -8.12
C SER A 314 -0.91 -16.29 -7.72
N THR A 315 -0.28 -16.25 -6.56
CA THR A 315 0.49 -17.39 -6.06
C THR A 315 -0.41 -18.31 -5.22
N ASP A 316 0.19 -19.27 -4.52
CA ASP A 316 -0.58 -20.17 -3.68
C ASP A 316 -0.54 -19.74 -2.22
N LEU A 317 -0.13 -18.51 -1.99
CA LEU A 317 -0.03 -18.00 -0.62
C LEU A 317 -1.31 -18.23 0.17
N TYR A 318 -2.42 -17.77 -0.38
CA TYR A 318 -3.71 -17.91 0.29
C TYR A 318 -4.58 -19.02 -0.27
N LYS A 319 -4.01 -19.86 -1.13
CA LYS A 319 -4.76 -20.96 -1.73
C LYS A 319 -5.09 -22.05 -0.70
N ILE A 320 -4.14 -22.33 0.18
CA ILE A 320 -4.31 -23.37 1.20
C ILE A 320 -5.06 -22.84 2.43
N LYS A 321 -6.16 -23.50 2.78
CA LYS A 321 -6.98 -23.12 3.94
C LYS A 321 -6.69 -24.01 5.15
N ASP A 322 -5.84 -23.51 6.04
CA ASP A 322 -5.45 -24.23 7.25
C ASP A 322 -6.61 -24.68 8.13
N GLU A 323 -6.48 -25.88 8.69
CA GLU A 323 -7.51 -26.43 9.57
C GLU A 323 -7.05 -26.27 11.01
N GLY A 324 -7.99 -26.18 11.92
CA GLY A 324 -7.61 -26.05 13.32
C GLY A 324 -7.85 -24.69 13.92
N THR A 325 -7.90 -24.66 15.25
CA THR A 325 -8.11 -23.43 15.98
C THR A 325 -6.81 -22.62 15.91
N LYS A 326 -6.85 -21.36 16.35
CA LYS A 326 -5.66 -20.52 16.30
C LYS A 326 -4.50 -21.16 17.05
N ILE A 327 -4.77 -21.70 18.22
CA ILE A 327 -3.72 -22.31 19.02
C ILE A 327 -3.12 -23.52 18.29
N GLN A 328 -3.95 -24.28 17.58
CA GLN A 328 -3.48 -25.44 16.83
C GLN A 328 -2.48 -25.03 15.75
N ILE A 329 -2.79 -23.93 15.06
CA ILE A 329 -1.93 -23.43 14.01
C ILE A 329 -0.64 -22.86 14.56
N LEU A 330 -0.74 -22.02 15.58
CA LEU A 330 0.46 -21.43 16.16
C LEU A 330 1.33 -22.54 16.74
N ASP A 331 0.68 -23.49 17.41
CA ASP A 331 1.39 -24.59 18.03
C ASP A 331 2.09 -25.43 16.96
N SER A 332 1.48 -25.56 15.79
CA SER A 332 2.08 -26.36 14.73
C SER A 332 3.25 -25.62 14.12
N LEU A 333 3.20 -24.29 14.15
CA LEU A 333 4.27 -23.49 13.60
C LEU A 333 5.50 -23.41 14.51
N LEU A 334 5.32 -23.62 15.80
CA LEU A 334 6.44 -23.52 16.73
C LEU A 334 6.84 -24.84 17.40
N ASN A 335 6.43 -25.98 16.86
CA ASN A 335 6.73 -27.26 17.50
C ASN A 335 8.05 -27.97 17.20
N GLU A 336 8.87 -27.41 16.31
CA GLU A 336 10.16 -28.01 15.99
C GLU A 336 11.06 -27.82 17.21
N HIS A 337 12.06 -28.67 17.41
CA HIS A 337 12.91 -28.49 18.58
C HIS A 337 14.43 -28.59 18.46
N HIS A 338 15.09 -28.07 19.49
CA HIS A 338 16.54 -28.01 19.64
C HIS A 338 17.20 -27.12 18.58
N GLU B 1 18.26 20.65 -6.27
CA GLU B 1 17.53 20.60 -4.98
C GLU B 1 17.77 19.27 -4.28
N GLN B 2 17.53 19.23 -2.97
CA GLN B 2 17.72 18.01 -2.20
C GLN B 2 16.37 17.35 -1.97
N ILE B 3 16.40 16.06 -1.69
CA ILE B 3 15.19 15.31 -1.42
C ILE B 3 15.37 14.59 -0.09
N SER B 4 14.50 14.91 0.85
CA SER B 4 14.54 14.30 2.18
C SER B 4 13.37 13.32 2.28
N ILE B 5 13.64 12.12 2.77
CA ILE B 5 12.57 11.15 2.93
C ILE B 5 11.92 11.37 4.29
N SER B 6 10.94 10.55 4.63
CA SER B 6 10.25 10.71 5.90
C SER B 6 11.09 10.33 7.10
N SER B 7 10.79 10.97 8.23
CA SER B 7 11.48 10.74 9.50
C SER B 7 10.72 9.70 10.31
N PRO B 8 11.35 9.18 11.37
CA PRO B 8 10.67 8.16 12.19
C PRO B 8 9.34 8.67 12.75
N ARG B 9 8.33 7.82 12.78
CA ARG B 9 7.03 8.20 13.32
C ARG B 9 7.08 8.45 14.82
N LYS B 10 8.07 7.88 15.49
CA LYS B 10 8.24 8.01 16.94
C LYS B 10 6.97 7.54 17.63
N ARG B 11 6.53 6.34 17.31
CA ARG B 11 5.34 5.77 17.92
C ARG B 11 5.36 4.27 17.66
N ILE B 12 4.86 3.52 18.62
CA ILE B 12 4.76 2.08 18.45
C ILE B 12 3.27 1.82 18.51
N TYR B 13 2.71 1.38 17.38
CA TYR B 13 1.28 1.09 17.25
C TYR B 13 0.91 -0.23 17.92
N HIS B 14 -0.17 -0.20 18.70
CA HIS B 14 -0.65 -1.38 19.41
C HIS B 14 -1.22 -2.45 18.48
N ASN B 15 -1.83 -2.01 17.39
CA ASN B 15 -2.41 -2.91 16.39
C ASN B 15 -2.43 -2.16 15.06
N ILE B 16 -2.71 -2.88 13.97
CA ILE B 16 -2.72 -2.29 12.64
C ILE B 16 -3.74 -1.15 12.46
N LEU B 17 -4.82 -1.19 13.21
CA LEU B 17 -5.88 -0.16 13.12
C LEU B 17 -5.38 1.22 13.55
N GLU B 18 -4.33 1.25 14.36
CA GLU B 18 -3.78 2.53 14.79
C GLU B 18 -2.91 3.18 13.71
N THR B 19 -2.65 2.46 12.62
CA THR B 19 -1.84 3.02 11.54
C THR B 19 -2.75 3.62 10.47
N ILE B 20 -4.05 3.61 10.73
CA ILE B 20 -5.02 4.18 9.81
C ILE B 20 -5.02 5.71 9.95
N GLY B 21 -5.18 6.41 8.84
CA GLY B 21 -5.21 7.87 8.87
C GLY B 21 -3.85 8.53 8.68
N GLY B 22 -3.81 9.84 8.91
CA GLY B 22 -2.57 10.59 8.76
C GLY B 22 -1.91 10.33 7.42
N THR B 23 -2.71 10.30 6.36
CA THR B 23 -2.20 10.04 5.02
C THR B 23 -1.49 11.26 4.44
N PRO B 24 -0.44 11.01 3.62
CA PRO B 24 0.36 12.06 2.97
C PRO B 24 -0.33 12.94 1.93
N LEU B 25 -0.05 14.23 2.03
CA LEU B 25 -0.57 15.25 1.10
C LEU B 25 0.63 15.60 0.19
N VAL B 26 0.51 15.24 -1.09
CA VAL B 26 1.59 15.42 -2.08
C VAL B 26 1.29 16.38 -3.24
N GLU B 27 2.26 17.20 -3.60
CA GLU B 27 2.09 18.15 -4.70
C GLU B 27 2.22 17.47 -6.03
N LEU B 28 1.36 17.84 -6.98
CA LEU B 28 1.44 17.28 -8.30
C LEU B 28 2.32 18.24 -9.06
N HIS B 29 3.11 17.74 -10.00
CA HIS B 29 3.98 18.62 -10.79
C HIS B 29 3.95 18.23 -12.25
N GLY B 30 4.07 16.93 -12.52
CA GLY B 30 4.06 16.45 -13.89
C GLY B 30 2.82 16.83 -14.65
N VAL B 31 1.64 16.43 -14.15
CA VAL B 31 0.40 16.70 -14.84
C VAL B 31 -0.14 18.12 -14.68
N THR B 32 0.61 18.97 -13.97
CA THR B 32 0.17 20.34 -13.79
C THR B 32 1.02 21.28 -14.65
N GLU B 33 2.02 20.73 -15.32
CA GLU B 33 2.88 21.53 -16.18
C GLU B 33 2.06 21.89 -17.42
N HIS B 34 1.23 22.92 -17.28
CA HIS B 34 0.39 23.38 -18.36
C HIS B 34 0.30 24.90 -18.32
N PRO B 35 0.31 25.55 -19.49
CA PRO B 35 0.25 27.01 -19.60
C PRO B 35 -0.78 27.72 -18.72
N ARG B 36 -2.01 27.24 -18.71
CA ARG B 36 -3.07 27.87 -17.91
C ARG B 36 -3.14 27.51 -16.43
N ILE B 37 -2.12 26.83 -15.92
CA ILE B 37 -2.07 26.48 -14.51
C ILE B 37 -0.93 27.32 -13.95
N LYS B 38 -1.24 28.38 -13.23
CA LYS B 38 -0.19 29.24 -12.68
C LYS B 38 0.67 28.48 -11.68
N LYS B 39 1.91 28.94 -11.49
CA LYS B 39 2.83 28.30 -10.54
C LYS B 39 2.37 28.56 -9.11
N GLY B 40 1.58 29.60 -8.94
CA GLY B 40 1.07 29.94 -7.62
C GLY B 40 -0.08 29.06 -7.20
N THR B 41 -0.74 28.45 -8.18
CA THR B 41 -1.87 27.56 -7.93
C THR B 41 -1.30 26.22 -7.48
N ARG B 42 -1.65 25.77 -6.28
CA ARG B 42 -1.13 24.50 -5.79
C ARG B 42 -2.15 23.38 -5.87
N ILE B 43 -1.76 22.28 -6.49
CA ILE B 43 -2.64 21.13 -6.62
C ILE B 43 -2.03 19.96 -5.86
N LEU B 44 -2.64 19.62 -4.73
CA LEU B 44 -2.17 18.55 -3.89
C LEU B 44 -3.11 17.35 -3.91
N VAL B 45 -2.55 16.16 -3.76
CA VAL B 45 -3.36 14.95 -3.73
C VAL B 45 -3.14 14.28 -2.37
N LYS B 46 -4.22 13.86 -1.73
CA LYS B 46 -4.16 13.18 -0.44
C LYS B 46 -4.24 11.69 -0.71
N LEU B 47 -3.11 11.02 -0.57
CA LEU B 47 -2.98 9.59 -0.86
C LEU B 47 -3.51 8.63 0.19
N GLU B 48 -4.76 8.24 0.04
CA GLU B 48 -5.43 7.33 0.96
C GLU B 48 -4.98 5.88 0.87
N TYR B 49 -4.19 5.53 -0.14
CA TYR B 49 -3.74 4.15 -0.23
C TYR B 49 -2.59 3.90 0.73
N PHE B 50 -2.24 4.94 1.49
CA PHE B 50 -1.19 4.79 2.48
C PHE B 50 -1.80 4.15 3.73
N ASN B 51 -3.10 3.87 3.68
CA ASN B 51 -3.75 3.20 4.81
C ASN B 51 -3.31 1.73 4.79
N PRO B 52 -3.40 1.04 5.94
CA PRO B 52 -3.00 -0.37 6.02
C PRO B 52 -3.45 -1.27 4.88
N MET B 53 -4.65 -1.08 4.35
CA MET B 53 -5.08 -1.92 3.24
C MET B 53 -5.23 -1.14 1.94
N SER B 54 -4.41 -0.09 1.79
CA SER B 54 -4.37 0.74 0.59
C SER B 54 -5.66 1.38 0.08
N SER B 55 -6.54 1.78 0.98
CA SER B 55 -7.76 2.42 0.54
C SER B 55 -8.33 3.32 1.63
N VAL B 56 -9.03 4.37 1.18
CA VAL B 56 -9.64 5.31 2.10
C VAL B 56 -10.68 4.61 2.97
N LYS B 57 -11.16 3.47 2.48
CA LYS B 57 -12.17 2.70 3.22
C LYS B 57 -11.68 2.16 4.53
N ASP B 58 -10.36 2.16 4.72
CA ASP B 58 -9.81 1.66 5.97
C ASP B 58 -10.39 2.45 7.13
N ARG B 59 -10.55 3.76 6.93
CA ARG B 59 -11.08 4.63 7.96
C ARG B 59 -12.53 4.26 8.30
N VAL B 60 -13.30 3.93 7.27
CA VAL B 60 -14.71 3.58 7.37
C VAL B 60 -14.99 2.22 8.02
N GLY B 61 -14.31 1.17 7.55
CA GLY B 61 -14.49 -0.16 8.11
C GLY B 61 -14.18 -0.15 9.59
N PHE B 62 -13.06 0.47 9.93
CA PHE B 62 -12.64 0.57 11.32
C PHE B 62 -13.68 1.31 12.15
N ASN B 63 -14.02 2.53 11.75
CA ASN B 63 -14.97 3.31 12.51
C ASN B 63 -16.34 2.67 12.65
N ILE B 64 -16.92 2.20 11.56
CA ILE B 64 -18.24 1.58 11.61
C ILE B 64 -18.26 0.47 12.65
N VAL B 65 -17.32 -0.47 12.54
CA VAL B 65 -17.22 -1.60 13.46
C VAL B 65 -16.83 -1.22 14.89
N TYR B 66 -15.88 -0.30 15.01
CA TYR B 66 -15.40 0.13 16.31
C TYR B 66 -16.51 0.80 17.15
N GLN B 67 -17.25 1.72 16.53
CA GLN B 67 -18.33 2.38 17.22
C GLN B 67 -19.43 1.38 17.59
N ALA B 68 -19.83 0.57 16.62
CA ALA B 68 -20.86 -0.43 16.85
C ALA B 68 -20.53 -1.24 18.10
N ILE B 69 -19.27 -1.58 18.27
CA ILE B 69 -18.86 -2.36 19.42
C ILE B 69 -19.00 -1.54 20.72
N LYS B 70 -18.47 -0.33 20.72
CA LYS B 70 -18.56 0.51 21.90
C LYS B 70 -19.99 0.95 22.15
N ASP B 71 -20.84 0.81 21.13
CA ASP B 71 -22.25 1.20 21.24
C ASP B 71 -23.05 0.07 21.83
N GLY B 72 -22.71 -1.15 21.43
CA GLY B 72 -23.43 -2.31 21.90
C GLY B 72 -24.18 -2.90 20.72
N ARG B 73 -24.12 -2.21 19.58
CA ARG B 73 -24.79 -2.67 18.37
C ARG B 73 -24.10 -3.93 17.85
N LEU B 74 -22.83 -4.08 18.21
CA LEU B 74 -22.04 -5.25 17.82
C LEU B 74 -21.49 -5.82 19.11
N LYS B 75 -21.84 -7.07 19.40
CA LYS B 75 -21.38 -7.72 20.60
C LYS B 75 -21.08 -9.20 20.38
N PRO B 76 -20.29 -9.81 21.28
CA PRO B 76 -19.90 -11.22 21.20
C PRO B 76 -21.03 -12.11 20.74
N GLY B 77 -20.72 -12.98 19.78
CA GLY B 77 -21.75 -13.88 19.27
C GLY B 77 -22.28 -13.45 17.92
N MET B 78 -22.48 -12.14 17.73
CA MET B 78 -22.99 -11.65 16.46
C MET B 78 -21.89 -11.71 15.40
N GLU B 79 -22.21 -11.22 14.21
CA GLU B 79 -21.27 -11.20 13.11
C GLU B 79 -21.48 -9.95 12.28
N ILE B 80 -20.40 -9.42 11.73
CA ILE B 80 -20.51 -8.24 10.90
C ILE B 80 -20.98 -8.74 9.55
N ILE B 81 -21.66 -7.88 8.81
CA ILE B 81 -22.12 -8.27 7.49
C ILE B 81 -22.44 -7.04 6.66
N GLU B 82 -21.92 -7.02 5.45
CA GLU B 82 -22.13 -5.90 4.54
C GLU B 82 -22.10 -6.38 3.11
N SER B 83 -22.43 -5.46 2.23
CA SER B 83 -22.45 -5.69 0.80
C SER B 83 -21.75 -4.44 0.28
N THR B 84 -20.64 -4.63 -0.44
CA THR B 84 -19.85 -3.49 -0.90
C THR B 84 -19.36 -3.50 -2.33
N SER B 85 -18.73 -2.40 -2.76
CA SER B 85 -18.19 -2.34 -4.10
C SER B 85 -16.71 -2.74 -4.09
N GLY B 86 -16.20 -3.12 -2.91
CA GLY B 86 -14.81 -3.54 -2.86
C GLY B 86 -14.01 -3.30 -1.60
N ASN B 87 -13.42 -2.11 -1.53
CA ASN B 87 -12.58 -1.73 -0.42
C ASN B 87 -13.27 -1.76 0.94
N THR B 88 -14.56 -1.42 0.99
CA THR B 88 -15.26 -1.46 2.25
C THR B 88 -15.26 -2.89 2.77
N GLY B 89 -15.48 -3.85 1.88
CA GLY B 89 -15.48 -5.23 2.28
C GLY B 89 -14.15 -5.57 2.93
N ILE B 90 -13.08 -5.15 2.28
CA ILE B 90 -11.72 -5.38 2.75
C ILE B 90 -11.43 -4.72 4.10
N ALA B 91 -11.82 -3.46 4.24
CA ALA B 91 -11.61 -2.75 5.50
C ALA B 91 -12.38 -3.43 6.64
N LEU B 92 -13.54 -4.00 6.34
CA LEU B 92 -14.34 -4.67 7.36
C LEU B 92 -13.64 -5.97 7.76
N CYS B 93 -13.01 -6.63 6.80
CA CYS B 93 -12.28 -7.86 7.10
C CYS B 93 -11.08 -7.53 8.00
N GLN B 94 -10.41 -6.42 7.73
CA GLN B 94 -9.27 -6.00 8.53
C GLN B 94 -9.70 -5.69 9.97
N ALA B 95 -10.81 -4.97 10.13
CA ALA B 95 -11.32 -4.63 11.45
C ALA B 95 -11.82 -5.89 12.17
N GLY B 96 -12.54 -6.73 11.45
CA GLY B 96 -13.06 -7.95 12.03
C GLY B 96 -11.96 -8.84 12.58
N ALA B 97 -10.91 -9.03 11.79
CA ALA B 97 -9.80 -9.87 12.21
C ALA B 97 -9.25 -9.34 13.54
N VAL B 98 -8.99 -8.05 13.62
CA VAL B 98 -8.44 -7.46 14.83
C VAL B 98 -9.38 -7.52 16.04
N PHE B 99 -10.66 -7.23 15.84
CA PHE B 99 -11.63 -7.26 16.94
C PHE B 99 -12.16 -8.67 17.22
N GLY B 100 -11.84 -9.60 16.33
CA GLY B 100 -12.28 -10.98 16.53
C GLY B 100 -13.73 -11.25 16.17
N TYR B 101 -14.20 -10.67 15.07
CA TYR B 101 -15.56 -10.86 14.61
C TYR B 101 -15.55 -11.39 13.18
N ARG B 102 -16.31 -12.45 12.95
CA ARG B 102 -16.40 -13.04 11.62
C ARG B 102 -17.19 -12.13 10.68
N VAL B 103 -16.67 -11.92 9.48
CA VAL B 103 -17.29 -11.04 8.50
C VAL B 103 -17.97 -11.78 7.36
N ASN B 104 -19.01 -11.16 6.79
CA ASN B 104 -19.76 -11.74 5.69
C ASN B 104 -19.93 -10.67 4.62
N ILE B 105 -19.56 -10.97 3.37
CA ILE B 105 -19.64 -9.97 2.30
C ILE B 105 -20.39 -10.40 1.03
N ALA B 106 -20.99 -9.41 0.35
CA ALA B 106 -21.72 -9.62 -0.90
C ALA B 106 -21.38 -8.48 -1.85
N MET B 107 -20.72 -8.79 -2.96
CA MET B 107 -20.31 -7.77 -3.94
C MET B 107 -20.53 -8.18 -5.40
N PRO B 108 -20.63 -7.20 -6.31
CA PRO B 108 -20.83 -7.50 -7.73
C PRO B 108 -19.57 -7.99 -8.46
N SER B 109 -19.62 -9.20 -9.01
CA SER B 109 -18.48 -9.72 -9.77
C SER B 109 -18.50 -8.90 -11.04
N THR B 110 -17.72 -7.84 -11.06
CA THR B 110 -17.68 -6.97 -12.21
C THR B 110 -16.78 -5.79 -11.86
N MET B 111 -16.60 -5.58 -10.56
CA MET B 111 -15.75 -4.50 -10.09
C MET B 111 -14.29 -4.83 -10.39
N SER B 112 -13.61 -5.51 -9.47
CA SER B 112 -12.20 -5.86 -9.69
C SER B 112 -11.86 -7.21 -9.05
N VAL B 113 -11.75 -8.23 -9.89
CA VAL B 113 -11.46 -9.61 -9.48
C VAL B 113 -10.52 -9.79 -8.29
N GLU B 114 -9.64 -8.83 -8.03
CA GLU B 114 -8.70 -8.96 -6.92
C GLU B 114 -9.20 -8.46 -5.56
N ARG B 115 -10.33 -7.75 -5.53
CA ARG B 115 -10.86 -7.28 -4.26
C ARG B 115 -11.52 -8.51 -3.66
N GLN B 116 -12.11 -9.30 -4.55
CA GLN B 116 -12.78 -10.52 -4.18
C GLN B 116 -11.73 -11.44 -3.58
N MET B 117 -10.52 -11.36 -4.14
CA MET B 117 -9.40 -12.19 -3.74
C MET B 117 -8.61 -11.72 -2.52
N ILE B 118 -9.22 -10.93 -1.65
CA ILE B 118 -8.51 -10.47 -0.48
C ILE B 118 -9.28 -10.79 0.78
N MET B 119 -10.61 -10.77 0.66
CA MET B 119 -11.49 -11.03 1.78
C MET B 119 -11.39 -12.42 2.39
N LYS B 120 -11.12 -13.42 1.55
CA LYS B 120 -10.99 -14.80 2.02
C LYS B 120 -9.90 -14.89 3.08
N ALA B 121 -8.69 -14.53 2.68
CA ALA B 121 -7.52 -14.58 3.54
C ALA B 121 -7.75 -13.98 4.93
N PHE B 122 -8.49 -12.89 4.99
CA PHE B 122 -8.75 -12.22 6.27
C PHE B 122 -9.66 -13.00 7.21
N GLY B 123 -10.31 -14.04 6.69
CA GLY B 123 -11.21 -14.83 7.51
C GLY B 123 -12.66 -14.54 7.17
N ALA B 124 -12.87 -13.79 6.08
CA ALA B 124 -14.21 -13.44 5.66
C ALA B 124 -14.94 -14.63 5.09
N GLU B 125 -16.16 -14.37 4.63
CA GLU B 125 -17.04 -15.37 4.04
C GLU B 125 -17.92 -14.60 3.06
N LEU B 126 -17.65 -14.81 1.77
CA LEU B 126 -18.35 -14.09 0.72
C LEU B 126 -19.64 -14.61 0.11
N ILE B 127 -20.02 -13.87 -0.93
CA ILE B 127 -21.18 -14.06 -1.80
C ILE B 127 -21.04 -12.87 -2.74
N LEU B 128 -21.26 -13.11 -4.01
CA LEU B 128 -21.11 -12.06 -5.00
C LEU B 128 -22.30 -12.03 -5.93
N THR B 129 -22.57 -10.86 -6.51
CA THR B 129 -23.73 -10.74 -7.38
C THR B 129 -23.53 -10.31 -8.81
N GLU B 130 -24.64 -10.33 -9.55
CA GLU B 130 -24.63 -9.97 -10.96
C GLU B 130 -24.14 -8.56 -11.24
N GLY B 131 -23.61 -8.38 -12.45
CA GLY B 131 -23.14 -7.08 -12.86
C GLY B 131 -24.42 -6.37 -13.26
N LYS B 132 -24.38 -5.05 -13.41
CA LYS B 132 -25.59 -4.30 -13.76
C LYS B 132 -26.54 -4.41 -12.57
N LYS B 133 -26.09 -5.09 -11.53
CA LYS B 133 -26.88 -5.24 -10.32
C LYS B 133 -26.66 -3.91 -9.63
N GLY B 134 -25.52 -3.28 -9.93
CA GLY B 134 -25.18 -1.99 -9.35
C GLY B 134 -25.17 -1.94 -7.84
N MET B 135 -26.27 -2.34 -7.23
CA MET B 135 -26.42 -2.37 -5.78
C MET B 135 -27.38 -3.49 -5.37
N PRO B 136 -28.48 -3.69 -6.13
CA PRO B 136 -29.43 -4.77 -5.78
C PRO B 136 -28.70 -6.10 -5.68
N GLY B 137 -27.44 -6.09 -6.11
CA GLY B 137 -26.62 -7.27 -6.04
C GLY B 137 -25.78 -7.16 -4.79
N ALA B 138 -25.30 -5.95 -4.51
CA ALA B 138 -24.51 -5.74 -3.32
C ALA B 138 -25.50 -5.65 -2.16
N ILE B 139 -26.15 -4.50 -2.06
CA ILE B 139 -27.12 -4.19 -1.00
C ILE B 139 -28.15 -5.27 -0.60
N GLU B 140 -29.27 -5.34 -1.31
CA GLU B 140 -30.33 -6.28 -1.00
C GLU B 140 -29.86 -7.65 -0.51
N GLU B 141 -28.92 -8.26 -1.22
CA GLU B 141 -28.42 -9.57 -0.82
C GLU B 141 -28.43 -9.76 0.69
N VAL B 142 -27.56 -9.01 1.36
CA VAL B 142 -27.45 -9.09 2.80
C VAL B 142 -28.82 -8.92 3.46
N ASN B 143 -29.61 -7.97 2.96
CA ASN B 143 -30.95 -7.72 3.51
C ASN B 143 -31.63 -9.05 3.78
N LYS B 144 -31.87 -9.79 2.72
CA LYS B 144 -32.51 -11.10 2.83
C LYS B 144 -31.74 -12.02 3.77
N MET B 145 -30.42 -12.07 3.63
CA MET B 145 -29.63 -12.96 4.48
C MET B 145 -29.87 -12.71 5.96
N ILE B 146 -29.87 -11.44 6.37
CA ILE B 146 -30.10 -11.09 7.77
C ILE B 146 -31.51 -11.51 8.17
N LYS B 147 -32.48 -11.00 7.42
CA LYS B 147 -33.90 -11.25 7.64
C LYS B 147 -34.24 -12.37 8.60
N GLU B 148 -34.14 -13.61 8.14
CA GLU B 148 -34.44 -14.78 8.95
C GLU B 148 -33.41 -15.09 10.01
N ASN B 149 -32.19 -14.63 9.80
CA ASN B 149 -31.11 -14.82 10.78
C ASN B 149 -31.16 -13.53 11.59
N PRO B 150 -32.07 -13.46 12.57
CA PRO B 150 -32.33 -12.34 13.47
C PRO B 150 -31.13 -11.61 14.05
N GLY B 151 -31.33 -11.02 15.24
CA GLY B 151 -30.28 -10.28 15.92
C GLY B 151 -28.94 -10.96 16.08
N LYS B 152 -28.48 -11.59 15.00
CA LYS B 152 -27.21 -12.29 14.98
C LYS B 152 -26.22 -11.47 14.16
N TYR B 153 -26.75 -10.65 13.27
CA TYR B 153 -25.93 -9.83 12.41
C TYR B 153 -25.96 -8.34 12.63
N PHE B 154 -24.82 -7.71 12.39
CA PHE B 154 -24.67 -6.28 12.49
C PHE B 154 -24.37 -5.84 11.06
N VAL B 155 -25.25 -5.03 10.48
CA VAL B 155 -25.06 -4.56 9.13
C VAL B 155 -24.32 -3.23 9.09
N ALA B 156 -23.22 -3.20 8.35
CA ALA B 156 -22.41 -1.99 8.21
C ALA B 156 -23.24 -0.84 7.65
N ASN B 157 -24.05 -1.13 6.62
CA ASN B 157 -24.91 -0.13 6.00
C ASN B 157 -24.12 1.14 5.68
N GLN B 158 -22.98 0.96 5.01
CA GLN B 158 -22.07 2.05 4.66
C GLN B 158 -22.72 3.28 4.00
N PHE B 159 -23.73 3.07 3.16
CA PHE B 159 -24.39 4.17 2.48
C PHE B 159 -25.33 5.00 3.36
N GLY B 160 -25.63 4.50 4.56
CA GLY B 160 -26.54 5.21 5.45
C GLY B 160 -26.06 5.27 6.88
N ASN B 161 -24.88 4.73 7.13
CA ASN B 161 -24.31 4.73 8.46
C ASN B 161 -23.53 6.03 8.70
N PRO B 162 -23.94 6.81 9.69
CA PRO B 162 -23.27 8.08 10.00
C PRO B 162 -21.84 7.93 10.52
N ASP B 163 -21.43 6.73 10.89
CA ASP B 163 -20.07 6.51 11.37
C ASP B 163 -19.10 6.49 10.19
N ASN B 164 -19.65 6.43 8.99
CA ASN B 164 -18.86 6.48 7.77
C ASN B 164 -18.41 7.93 7.66
N THR B 165 -19.39 8.79 7.51
CA THR B 165 -19.15 10.22 7.38
C THR B 165 -18.26 10.72 8.50
N ALA B 166 -18.54 10.29 9.73
CA ALA B 166 -17.79 10.73 10.90
C ALA B 166 -16.30 10.44 10.84
N ALA B 167 -15.93 9.29 10.29
CA ALA B 167 -14.52 8.91 10.21
C ALA B 167 -13.72 9.97 9.43
N HIS B 168 -14.42 10.67 8.56
CA HIS B 168 -13.77 11.67 7.74
C HIS B 168 -13.55 13.05 8.35
N HIS B 169 -13.85 13.21 9.63
CA HIS B 169 -13.58 14.49 10.28
C HIS B 169 -12.07 14.49 10.49
N TYR B 170 -11.50 13.29 10.54
CA TYR B 170 -10.05 13.10 10.71
C TYR B 170 -9.39 13.41 9.38
N THR B 171 -10.02 12.97 8.30
CA THR B 171 -9.51 13.22 6.97
C THR B 171 -9.48 14.74 6.80
N ALA B 172 -10.54 15.39 7.29
CA ALA B 172 -10.65 16.84 7.23
C ALA B 172 -9.60 17.53 8.09
N ASN B 173 -9.47 17.11 9.36
CA ASN B 173 -8.46 17.71 10.23
C ASN B 173 -7.07 17.57 9.61
N GLU B 174 -6.80 16.40 9.01
CA GLU B 174 -5.52 16.15 8.35
C GLU B 174 -5.27 17.16 7.24
N ILE B 175 -6.28 17.41 6.41
CA ILE B 175 -6.13 18.36 5.32
C ILE B 175 -5.85 19.76 5.87
N TRP B 176 -6.67 20.18 6.85
CA TRP B 176 -6.52 21.49 7.48
C TRP B 176 -5.14 21.69 8.10
N GLU B 177 -4.65 20.66 8.78
CA GLU B 177 -3.35 20.72 9.41
C GLU B 177 -2.24 20.82 8.37
N ASP B 178 -2.15 19.79 7.53
CA ASP B 178 -1.12 19.74 6.51
C ASP B 178 -1.00 20.98 5.65
N THR B 179 -2.09 21.72 5.45
CA THR B 179 -1.98 22.93 4.63
C THR B 179 -1.95 24.17 5.50
N ASP B 180 -1.86 23.97 6.82
CA ASP B 180 -1.86 25.08 7.78
C ASP B 180 -3.00 26.05 7.48
N GLY B 181 -4.18 25.51 7.24
CA GLY B 181 -5.34 26.34 6.97
C GLY B 181 -5.43 27.03 5.62
N GLU B 182 -4.62 26.62 4.66
CA GLU B 182 -4.66 27.25 3.33
C GLU B 182 -5.55 26.54 2.31
N VAL B 183 -6.01 25.34 2.64
CA VAL B 183 -6.87 24.62 1.71
C VAL B 183 -8.00 25.58 1.24
N ASP B 184 -8.19 25.70 -0.08
CA ASP B 184 -9.22 26.58 -0.61
C ASP B 184 -10.32 25.74 -1.24
N ILE B 185 -9.91 24.66 -1.89
CA ILE B 185 -10.85 23.79 -2.57
C ILE B 185 -10.52 22.34 -2.28
N VAL B 186 -11.56 21.52 -2.16
CA VAL B 186 -11.37 20.10 -1.92
C VAL B 186 -12.21 19.38 -2.97
N VAL B 187 -11.60 18.42 -3.66
CA VAL B 187 -12.26 17.66 -4.71
C VAL B 187 -12.34 16.19 -4.31
N SER B 188 -13.54 15.60 -4.42
CA SER B 188 -13.72 14.21 -4.01
C SER B 188 -14.73 13.43 -4.86
N ALA B 189 -14.27 12.31 -5.44
CA ALA B 189 -15.11 11.43 -6.25
C ALA B 189 -16.01 10.69 -5.27
N VAL B 190 -17.30 10.60 -5.59
CA VAL B 190 -18.28 10.01 -4.68
C VAL B 190 -18.79 8.59 -4.85
N GLY B 191 -18.76 7.85 -3.75
CA GLY B 191 -19.25 6.47 -3.71
C GLY B 191 -20.41 6.46 -2.73
N THR B 192 -20.08 6.53 -1.44
CA THR B 192 -21.07 6.58 -0.36
C THR B 192 -21.20 8.06 0.02
N SER B 193 -20.23 8.84 -0.45
CA SER B 193 -20.11 10.28 -0.22
C SER B 193 -19.69 10.58 1.22
N GLY B 194 -19.30 9.53 1.95
CA GLY B 194 -18.87 9.71 3.31
C GLY B 194 -17.68 10.64 3.38
N THR B 195 -16.77 10.52 2.41
CA THR B 195 -15.58 11.37 2.35
C THR B 195 -15.93 12.83 2.09
N VAL B 196 -16.64 13.07 0.99
CA VAL B 196 -16.99 14.44 0.64
C VAL B 196 -17.80 15.17 1.72
N ILE B 197 -18.84 14.55 2.26
CA ILE B 197 -19.64 15.21 3.30
C ILE B 197 -18.87 15.29 4.63
N GLY B 198 -18.24 14.19 5.02
CA GLY B 198 -17.49 14.16 6.27
C GLY B 198 -16.43 15.24 6.30
N VAL B 199 -15.72 15.40 5.19
CA VAL B 199 -14.68 16.41 5.08
C VAL B 199 -15.32 17.80 5.05
N ALA B 200 -16.35 17.96 4.22
CA ALA B 200 -17.03 19.24 4.09
C ALA B 200 -17.49 19.79 5.43
N GLU B 201 -18.30 19.03 6.17
CA GLU B 201 -18.80 19.52 7.45
C GLU B 201 -17.72 19.86 8.47
N LYS B 202 -16.60 19.13 8.44
CA LYS B 202 -15.54 19.41 9.39
C LYS B 202 -14.70 20.61 8.96
N LEU B 203 -14.54 20.81 7.66
CA LEU B 203 -13.77 21.95 7.16
C LEU B 203 -14.57 23.25 7.20
N LYS B 204 -15.88 23.16 6.93
CA LYS B 204 -16.74 24.34 6.95
C LYS B 204 -16.71 24.89 8.37
N GLU B 205 -16.55 23.97 9.31
CA GLU B 205 -16.50 24.28 10.72
C GLU B 205 -15.26 25.09 11.05
N LYS B 206 -14.22 24.92 10.24
CA LYS B 206 -12.96 25.64 10.45
C LYS B 206 -12.83 26.87 9.57
N LYS B 207 -13.49 26.84 8.41
CA LYS B 207 -13.45 27.93 7.47
C LYS B 207 -14.55 27.78 6.43
N LYS B 208 -15.52 28.68 6.45
CA LYS B 208 -16.65 28.59 5.53
C LYS B 208 -16.36 28.89 4.04
N GLY B 209 -15.26 29.57 3.76
CA GLY B 209 -14.96 29.88 2.38
C GLY B 209 -14.52 28.72 1.49
N ILE B 210 -14.21 27.58 2.10
CA ILE B 210 -13.75 26.41 1.35
C ILE B 210 -14.79 25.87 0.37
N LYS B 211 -14.36 25.63 -0.87
CA LYS B 211 -15.25 25.12 -1.89
C LYS B 211 -15.14 23.59 -1.96
N ILE B 212 -16.27 22.92 -1.80
CA ILE B 212 -16.35 21.46 -1.83
C ILE B 212 -16.90 21.01 -3.19
N ILE B 213 -16.13 20.21 -3.90
CA ILE B 213 -16.52 19.72 -5.22
C ILE B 213 -16.66 18.20 -5.25
N ALA B 214 -17.85 17.74 -5.63
CA ALA B 214 -18.11 16.29 -5.73
C ALA B 214 -17.88 15.88 -7.18
N VAL B 215 -17.40 14.66 -7.37
CA VAL B 215 -17.12 14.17 -8.70
C VAL B 215 -17.87 12.86 -8.91
N GLU B 216 -18.48 12.70 -10.07
CA GLU B 216 -19.22 11.47 -10.35
C GLU B 216 -19.09 11.11 -11.83
N PRO B 217 -19.40 9.85 -12.17
CA PRO B 217 -19.30 9.42 -13.58
C PRO B 217 -20.28 10.17 -14.44
N GLU B 218 -19.86 10.54 -15.64
CA GLU B 218 -20.77 11.25 -16.53
C GLU B 218 -21.86 10.27 -16.98
N GLU B 219 -21.51 9.00 -17.08
CA GLU B 219 -22.45 7.96 -17.50
C GLU B 219 -23.49 7.60 -16.46
N SER B 220 -23.39 8.19 -15.27
CA SER B 220 -24.34 7.91 -14.20
C SER B 220 -24.38 9.08 -13.24
N ALA B 221 -24.59 10.29 -13.79
CA ALA B 221 -24.63 11.52 -13.01
C ALA B 221 -25.85 11.65 -12.09
N VAL B 222 -25.96 10.76 -11.11
CA VAL B 222 -27.07 10.75 -10.18
C VAL B 222 -27.13 11.94 -9.21
N LEU B 223 -25.99 12.51 -8.85
CA LEU B 223 -26.02 13.64 -7.93
C LEU B 223 -26.54 14.87 -8.67
N GLU B 224 -26.30 14.89 -9.98
CA GLU B 224 -26.73 15.98 -10.84
C GLU B 224 -28.13 15.74 -11.42
N GLY B 225 -28.91 14.87 -10.79
CA GLY B 225 -30.26 14.60 -11.26
C GLY B 225 -30.45 13.52 -12.32
N LYS B 226 -29.37 12.95 -12.84
CA LYS B 226 -29.50 11.91 -13.86
C LYS B 226 -29.83 10.57 -13.21
N ALA B 227 -30.05 9.56 -14.05
CA ALA B 227 -30.40 8.23 -13.57
C ALA B 227 -29.21 7.29 -13.58
N LYS B 228 -29.36 6.14 -12.92
CA LYS B 228 -28.29 5.16 -12.87
C LYS B 228 -27.96 4.70 -14.27
N GLY B 229 -26.69 4.82 -14.62
CA GLY B 229 -26.25 4.39 -15.93
C GLY B 229 -24.99 3.56 -15.79
N PRO B 230 -24.61 2.84 -16.84
CA PRO B 230 -23.40 2.01 -16.80
C PRO B 230 -22.13 2.85 -16.98
N HIS B 231 -21.10 2.55 -16.19
CA HIS B 231 -19.82 3.29 -16.28
C HIS B 231 -18.68 2.40 -15.84
N GLY B 232 -17.46 2.88 -15.98
CA GLY B 232 -16.31 2.09 -15.59
C GLY B 232 -15.46 2.63 -14.45
N ILE B 233 -15.90 3.71 -13.81
CA ILE B 233 -15.09 4.23 -12.71
C ILE B 233 -15.41 3.48 -11.42
N GLN B 234 -14.62 2.44 -11.16
CA GLN B 234 -14.80 1.62 -9.99
C GLN B 234 -14.65 2.34 -8.66
N GLY B 235 -15.62 2.14 -7.77
CA GLY B 235 -15.57 2.76 -6.46
C GLY B 235 -16.58 3.88 -6.29
N ILE B 236 -17.06 4.42 -7.41
CA ILE B 236 -18.04 5.52 -7.35
C ILE B 236 -19.24 5.21 -8.23
N GLY B 237 -20.12 6.18 -8.38
CA GLY B 237 -21.31 5.97 -9.20
C GLY B 237 -22.18 4.81 -8.74
N ALA B 238 -22.57 4.84 -7.46
CA ALA B 238 -23.40 3.79 -6.88
C ALA B 238 -24.74 3.61 -7.61
N GLY B 239 -25.19 4.66 -8.29
CA GLY B 239 -26.44 4.58 -9.03
C GLY B 239 -27.66 5.07 -8.26
N PHE B 240 -27.42 5.77 -7.16
CA PHE B 240 -28.48 6.32 -6.31
C PHE B 240 -27.84 7.30 -5.36
N ILE B 241 -28.65 8.14 -4.71
CA ILE B 241 -28.11 9.11 -3.78
C ILE B 241 -28.03 8.50 -2.39
N PRO B 242 -26.82 8.38 -1.83
CA PRO B 242 -26.63 7.80 -0.51
C PRO B 242 -27.40 8.56 0.56
N ASP B 243 -27.93 7.84 1.55
CA ASP B 243 -28.68 8.51 2.61
C ASP B 243 -27.78 9.46 3.39
N ILE B 244 -26.50 9.16 3.47
CA ILE B 244 -25.59 10.03 4.21
C ILE B 244 -25.19 11.29 3.44
N TYR B 245 -25.63 11.38 2.19
CA TYR B 245 -25.32 12.53 1.35
C TYR B 245 -26.09 13.79 1.78
N LYS B 246 -25.42 14.94 1.76
CA LYS B 246 -26.04 16.20 2.12
C LYS B 246 -25.63 17.29 1.15
N LYS B 247 -26.42 17.47 0.09
CA LYS B 247 -26.12 18.47 -0.93
C LYS B 247 -25.78 19.86 -0.40
N GLU B 248 -26.31 20.21 0.76
CA GLU B 248 -26.05 21.52 1.34
C GLU B 248 -24.55 21.76 1.53
N PHE B 249 -23.80 20.68 1.70
CA PHE B 249 -22.36 20.76 1.91
C PHE B 249 -21.51 20.72 0.64
N VAL B 250 -22.14 20.47 -0.51
CA VAL B 250 -21.44 20.41 -1.78
C VAL B 250 -21.71 21.66 -2.60
N ASP B 251 -20.65 22.31 -3.05
CA ASP B 251 -20.76 23.54 -3.84
C ASP B 251 -20.91 23.34 -5.34
N GLU B 252 -20.22 22.34 -5.88
CA GLU B 252 -20.29 22.05 -7.31
C GLU B 252 -20.05 20.57 -7.57
N ILE B 253 -20.77 20.00 -8.51
CA ILE B 253 -20.59 18.60 -8.86
C ILE B 253 -20.02 18.58 -10.27
N ILE B 254 -18.96 17.81 -10.48
CA ILE B 254 -18.33 17.70 -11.79
C ILE B 254 -18.41 16.28 -12.37
N PRO B 255 -19.01 16.15 -13.56
CA PRO B 255 -19.15 14.85 -14.22
C PRO B 255 -17.90 14.55 -15.03
N ILE B 256 -17.39 13.33 -14.92
CA ILE B 256 -16.19 12.94 -15.64
C ILE B 256 -16.44 11.65 -16.40
N LYS B 257 -16.02 11.62 -17.66
CA LYS B 257 -16.21 10.42 -18.47
C LYS B 257 -15.24 9.31 -18.05
N THR B 258 -15.78 8.09 -17.92
CA THR B 258 -15.01 6.93 -17.53
C THR B 258 -13.64 6.86 -18.19
N GLN B 259 -13.59 7.09 -19.49
CA GLN B 259 -12.34 7.03 -20.24
C GLN B 259 -11.35 8.13 -19.89
N ASP B 260 -11.85 9.35 -19.69
CA ASP B 260 -10.98 10.46 -19.33
C ASP B 260 -10.38 10.20 -17.97
N ALA B 261 -11.16 9.53 -17.13
CA ALA B 261 -10.75 9.19 -15.78
C ALA B 261 -9.58 8.23 -15.86
N TRP B 262 -9.67 7.27 -16.76
CA TRP B 262 -8.60 6.27 -16.91
C TRP B 262 -7.36 6.92 -17.51
N LYS B 263 -7.59 7.77 -18.49
CA LYS B 263 -6.51 8.47 -19.15
C LYS B 263 -5.76 9.37 -18.17
N MET B 264 -6.50 10.08 -17.32
CA MET B 264 -5.88 10.95 -16.34
C MET B 264 -5.05 10.09 -15.40
N ALA B 265 -5.63 8.96 -14.99
CA ALA B 265 -4.95 8.03 -14.11
C ALA B 265 -3.62 7.62 -14.73
N ARG B 266 -3.61 7.38 -16.04
CA ARG B 266 -2.39 6.99 -16.71
C ARG B 266 -1.33 8.11 -16.74
N ALA B 267 -1.77 9.34 -17.00
CA ALA B 267 -0.85 10.47 -17.04
C ALA B 267 -0.25 10.72 -15.66
N VAL B 268 -1.07 10.64 -14.63
CA VAL B 268 -0.60 10.87 -13.27
C VAL B 268 0.53 9.93 -12.85
N VAL B 269 0.43 8.65 -13.18
CA VAL B 269 1.48 7.71 -12.80
C VAL B 269 2.70 7.89 -13.69
N LYS B 270 2.48 8.26 -14.95
CA LYS B 270 3.58 8.46 -15.86
C LYS B 270 4.36 9.75 -15.65
N TYR B 271 3.66 10.85 -15.41
CA TYR B 271 4.33 12.14 -15.23
C TYR B 271 4.63 12.56 -13.79
N ASP B 272 3.98 11.93 -12.82
CA ASP B 272 4.21 12.24 -11.42
C ASP B 272 4.66 11.02 -10.64
N GLY B 273 4.67 9.89 -11.31
CA GLY B 273 5.10 8.65 -10.67
C GLY B 273 4.21 8.27 -9.51
N ILE B 274 2.94 8.61 -9.59
CA ILE B 274 1.99 8.29 -8.54
C ILE B 274 0.93 7.34 -9.12
N MET B 275 0.93 6.10 -8.64
CA MET B 275 -0.01 5.11 -9.17
C MET B 275 -1.40 5.11 -8.53
N CYS B 276 -2.22 6.08 -8.93
CA CYS B 276 -3.57 6.22 -8.40
C CYS B 276 -4.59 5.35 -9.15
N GLY B 277 -5.73 5.10 -8.51
CA GLY B 277 -6.77 4.28 -9.11
C GLY B 277 -7.66 5.01 -10.09
N MET B 278 -8.73 4.35 -10.51
CA MET B 278 -9.66 4.89 -11.49
C MET B 278 -10.40 6.13 -10.98
N SER B 279 -10.97 6.02 -9.78
CA SER B 279 -11.72 7.12 -9.19
C SER B 279 -10.80 8.32 -8.92
N SER B 280 -9.52 8.04 -8.69
CA SER B 280 -8.57 9.11 -8.45
C SER B 280 -8.36 9.90 -9.75
N GLY B 281 -8.43 9.20 -10.88
CA GLY B 281 -8.25 9.85 -12.17
C GLY B 281 -9.34 10.88 -12.37
N ALA B 282 -10.58 10.49 -12.11
CA ALA B 282 -11.72 11.38 -12.25
C ALA B 282 -11.58 12.60 -11.33
N ALA B 283 -11.13 12.36 -10.09
CA ALA B 283 -10.97 13.41 -9.09
C ALA B 283 -9.88 14.40 -9.48
N ILE B 284 -8.77 13.86 -9.96
CA ILE B 284 -7.63 14.69 -10.37
C ILE B 284 -7.93 15.53 -11.61
N LEU B 285 -8.61 14.93 -12.61
CA LEU B 285 -8.94 15.67 -13.81
C LEU B 285 -9.85 16.83 -13.44
N ALA B 286 -10.84 16.56 -12.60
CA ALA B 286 -11.78 17.60 -12.16
C ALA B 286 -11.02 18.66 -11.38
N GLY B 287 -9.98 18.23 -10.66
CA GLY B 287 -9.18 19.17 -9.88
C GLY B 287 -8.35 20.04 -10.80
N LEU B 288 -7.91 19.46 -11.90
CA LEU B 288 -7.10 20.18 -12.87
C LEU B 288 -7.96 21.15 -13.68
N LYS B 289 -9.25 20.82 -13.84
CA LYS B 289 -10.15 21.70 -14.56
C LYS B 289 -10.44 22.95 -13.73
N GLU B 290 -10.37 22.82 -12.41
CA GLU B 290 -10.56 23.97 -11.50
C GLU B 290 -9.30 24.81 -11.51
N ALA B 291 -8.15 24.15 -11.51
CA ALA B 291 -6.86 24.83 -11.49
C ALA B 291 -6.64 25.77 -12.68
N GLU B 292 -7.33 25.53 -13.79
CA GLU B 292 -7.15 26.40 -14.95
C GLU B 292 -8.16 27.55 -15.01
N LYS B 293 -9.12 27.58 -14.09
CA LYS B 293 -10.09 28.65 -14.07
C LYS B 293 -9.33 29.87 -13.56
N PRO B 294 -9.57 31.03 -14.19
CA PRO B 294 -8.90 32.29 -13.80
C PRO B 294 -9.03 32.66 -12.33
N GLU B 295 -10.21 32.47 -11.77
CA GLU B 295 -10.47 32.83 -10.37
C GLU B 295 -9.93 31.88 -9.31
N ASN B 296 -9.25 30.81 -9.72
CA ASN B 296 -8.69 29.88 -8.75
C ASN B 296 -7.17 30.02 -8.74
N GLU B 297 -6.67 31.04 -9.43
CA GLU B 297 -5.24 31.29 -9.49
C GLU B 297 -4.66 31.53 -8.11
N GLY B 298 -3.59 30.80 -7.80
CA GLY B 298 -2.95 30.95 -6.51
C GLY B 298 -3.58 30.15 -5.38
N LYS B 299 -4.78 29.64 -5.59
CA LYS B 299 -5.45 28.88 -4.55
C LYS B 299 -4.81 27.52 -4.30
N THR B 300 -5.15 26.93 -3.16
CA THR B 300 -4.66 25.61 -2.79
C THR B 300 -5.80 24.61 -2.99
N ILE B 301 -5.57 23.63 -3.87
CA ILE B 301 -6.57 22.63 -4.18
C ILE B 301 -6.17 21.23 -3.70
N VAL B 302 -7.00 20.61 -2.89
CA VAL B 302 -6.72 19.28 -2.37
C VAL B 302 -7.68 18.27 -2.99
N ILE B 303 -7.11 17.19 -3.53
CA ILE B 303 -7.88 16.15 -4.21
C ILE B 303 -7.68 14.80 -3.53
N ILE B 304 -8.77 14.14 -3.17
CA ILE B 304 -8.67 12.85 -2.54
C ILE B 304 -8.32 11.78 -3.57
N VAL B 305 -7.32 10.96 -3.25
CA VAL B 305 -6.89 9.86 -4.10
C VAL B 305 -7.29 8.67 -3.25
N PRO B 306 -8.45 8.08 -3.54
CA PRO B 306 -8.99 6.93 -2.81
C PRO B 306 -8.22 5.62 -2.79
N SER B 307 -7.61 5.25 -3.91
CA SER B 307 -6.92 3.99 -3.99
C SER B 307 -5.73 3.97 -4.93
N CYS B 308 -5.06 2.83 -4.97
CA CYS B 308 -3.88 2.61 -5.79
C CYS B 308 -4.28 1.83 -7.04
N GLY B 309 -3.60 2.13 -8.16
CA GLY B 309 -3.90 1.45 -9.41
C GLY B 309 -3.59 -0.05 -9.43
N GLU B 310 -2.72 -0.50 -8.55
CA GLU B 310 -2.36 -1.92 -8.51
C GLU B 310 -3.57 -2.85 -8.27
N ARG B 311 -4.59 -2.36 -7.58
CA ARG B 311 -5.77 -3.16 -7.32
C ARG B 311 -6.68 -3.20 -8.55
N TYR B 312 -6.17 -2.69 -9.69
CA TYR B 312 -6.93 -2.62 -10.94
C TYR B 312 -6.19 -3.23 -12.14
N LEU B 313 -5.09 -3.92 -11.87
CA LEU B 313 -4.32 -4.53 -12.93
C LEU B 313 -5.18 -5.39 -13.86
N SER B 314 -6.08 -6.18 -13.28
CA SER B 314 -6.95 -7.06 -14.05
C SER B 314 -7.83 -6.27 -15.04
N THR B 315 -8.05 -5.00 -14.74
CA THR B 315 -8.92 -4.17 -15.58
C THR B 315 -8.24 -3.65 -16.84
N ASP B 316 -8.90 -2.75 -17.55
CA ASP B 316 -8.38 -2.14 -18.78
C ASP B 316 -7.67 -0.83 -18.47
N LEU B 317 -7.68 -0.45 -17.20
CA LEU B 317 -7.05 0.79 -16.77
C LEU B 317 -5.74 1.08 -17.52
N TYR B 318 -4.80 0.14 -17.44
CA TYR B 318 -3.50 0.30 -18.08
C TYR B 318 -3.36 -0.39 -19.44
N LYS B 319 -4.48 -0.84 -20.01
CA LYS B 319 -4.45 -1.50 -21.31
C LYS B 319 -4.06 -0.52 -22.42
N ILE B 320 -5.04 0.26 -22.91
CA ILE B 320 -4.76 1.23 -23.97
C ILE B 320 -3.64 2.18 -23.56
N LYS B 321 -2.85 2.60 -24.54
CA LYS B 321 -1.76 3.54 -24.31
C LYS B 321 -2.12 4.88 -24.95
N ASP B 322 -1.49 5.96 -24.49
CA ASP B 322 -1.80 7.28 -25.01
C ASP B 322 -0.78 7.85 -26.00
N GLU B 323 -1.31 8.47 -27.05
CA GLU B 323 -0.49 9.08 -28.08
C GLU B 323 -0.12 10.50 -27.72
N GLY B 324 0.85 11.05 -28.43
CA GLY B 324 1.27 12.42 -28.19
C GLY B 324 2.16 12.65 -26.99
N THR B 325 2.51 13.93 -26.80
CA THR B 325 3.36 14.36 -25.69
C THR B 325 2.53 14.50 -24.43
N LYS B 326 3.15 15.05 -23.39
CA LYS B 326 2.46 15.27 -22.14
C LYS B 326 1.47 16.41 -22.36
N ILE B 327 2.02 17.56 -22.76
CA ILE B 327 1.21 18.74 -23.04
C ILE B 327 0.11 18.37 -24.03
N GLN B 328 0.41 17.39 -24.88
CA GLN B 328 -0.54 16.93 -25.89
C GLN B 328 -1.64 16.14 -25.18
N ILE B 329 -1.23 15.23 -24.31
CA ILE B 329 -2.18 14.42 -23.57
C ILE B 329 -2.98 15.29 -22.61
N LEU B 330 -2.32 16.26 -21.98
CA LEU B 330 -2.99 17.15 -21.05
C LEU B 330 -4.04 18.01 -21.74
N ASP B 331 -3.79 18.39 -22.99
CA ASP B 331 -4.74 19.21 -23.72
C ASP B 331 -6.00 18.46 -24.08
N SER B 332 -5.84 17.20 -24.47
CA SER B 332 -6.98 16.39 -24.84
C SER B 332 -7.85 16.16 -23.61
N LEU B 333 -7.22 16.12 -22.45
CA LEU B 333 -7.93 15.90 -21.20
C LEU B 333 -8.68 17.14 -20.70
N LEU B 334 -8.08 18.31 -20.88
CA LEU B 334 -8.71 19.54 -20.42
C LEU B 334 -9.78 20.12 -21.34
N ASN B 335 -9.57 20.04 -22.65
CA ASN B 335 -10.55 20.59 -23.59
C ASN B 335 -11.68 19.62 -23.90
#